data_5G1A
#
_entry.id   5G1A
#
_cell.length_a   101.440
_cell.length_b   101.440
_cell.length_c   175.930
_cell.angle_alpha   90.00
_cell.angle_beta   90.00
_cell.angle_gamma   90.00
#
_symmetry.space_group_name_H-M   'P 42 21 2'
#
loop_
_entity.id
_entity.type
_entity.pdbx_description
1 polymer 'HISTONE DEACETYLASE-LIKE AMIDOHYDROLASE'
2 non-polymer 'ZINC ION'
3 non-polymer 'POTASSIUM ION'
4 non-polymer "2,2,3,3,4,4,5,5,6,6,7,7-dodecakis(fluoranyl)-~{N}-oxidanyl-~{N}'-phenyl-octanediamide"
5 non-polymer 'PENTAETHYLENE GLYCOL'
6 non-polymer DI(HYDROXYETHYL)ETHER
7 water water
#
_entity_poly.entity_id   1
_entity_poly.type   'polypeptide(L)'
_entity_poly.pdbx_seq_one_letter_code
;HHHAIGYVWNTLYGWVDTGTGSLAAANLTARMQPISHHLAHPDTKRRFHELVCASGQIEHLTPIAAVAATDADILRAHSA
AHLENMKRVSNLPTGGDTGDGITMMGNGGLEIARLSAGGAVELTRRVATGELSAGYALVNPPGHHAPHNAAMGFCIFNNT
SVAAGYARAVLGMERVAILDWDVHHGNGTQDIWWNDPSVLTISLHQHLCFPPDSGYSTERGAGNGHGYNINVPLPPGSGN
AAYLHAMDQVVLPALRAYRPQLIIVGSGFDASMLDPLARMMVTADGFRQMARRTIDCAADICDGRIVFVQEGGYSPHYLP
FCGLAVIEELTGVRSLPDPYHEFLAGMGGNTLLDAERAAIEEIVPLLADIR
;
_entity_poly.pdbx_strand_id   A,B
#
loop_
_chem_comp.id
_chem_comp.type
_chem_comp.name
_chem_comp.formula
1PE non-polymer 'PENTAETHYLENE GLYCOL' 'C10 H22 O6'
7H1 non-polymer 2,2,3,3,4,4,5,5,6,6,7,7-dodecakis(fluoranyl)-~{N}-oxidanyl-~{N}'-phenyl-octanediamide 'C14 H8 F12 N2 O3'
K non-polymer 'POTASSIUM ION' 'K 1'
PEG non-polymer DI(HYDROXYETHYL)ETHER 'C4 H10 O3'
ZN non-polymer 'ZINC ION' 'Zn 2'
#
# COMPACT_ATOMS: atom_id res chain seq x y z
N HIS A 2 16.05 7.69 25.25
CA HIS A 2 15.00 6.63 25.35
C HIS A 2 14.92 5.80 24.05
N HIS A 3 13.72 5.30 23.75
CA HIS A 3 13.50 4.44 22.59
C HIS A 3 12.20 4.82 21.90
N ALA A 4 12.33 5.39 20.72
CA ALA A 4 11.19 5.66 19.83
C ALA A 4 11.74 5.67 18.42
N ILE A 5 11.24 4.79 17.56
CA ILE A 5 11.83 4.58 16.24
C ILE A 5 10.88 5.15 15.19
N GLY A 6 11.33 6.16 14.46
CA GLY A 6 10.51 6.76 13.40
C GLY A 6 10.53 5.94 12.13
N TYR A 7 9.46 6.03 11.35
CA TYR A 7 9.35 5.30 10.09
C TYR A 7 8.61 6.15 9.09
N VAL A 8 9.21 6.38 7.92
CA VAL A 8 8.59 7.20 6.87
C VAL A 8 8.24 6.36 5.66
N TRP A 9 6.96 6.33 5.32
CA TRP A 9 6.48 5.84 4.02
C TRP A 9 5.43 6.84 3.57
N ASN A 10 5.42 7.14 2.29
CA ASN A 10 4.41 7.97 1.65
C ASN A 10 3.90 7.21 0.45
N THR A 11 2.58 7.16 0.27
CA THR A 11 2.00 6.44 -0.86
C THR A 11 2.67 6.76 -2.20
N LEU A 12 3.00 8.03 -2.41
CA LEU A 12 3.56 8.45 -3.68
C LEU A 12 4.95 7.88 -3.98
N TYR A 13 5.69 7.46 -2.95
CA TYR A 13 6.94 6.73 -3.19
C TYR A 13 6.69 5.50 -4.07
N GLY A 14 5.51 4.90 -3.94
CA GLY A 14 5.13 3.75 -4.75
C GLY A 14 4.58 4.06 -6.13
N TRP A 15 4.40 5.34 -6.45
CA TRP A 15 3.78 5.79 -7.70
C TRP A 15 4.78 6.39 -8.68
N VAL A 16 6.07 6.33 -8.38
CA VAL A 16 7.11 6.79 -9.29
C VAL A 16 6.98 6.01 -10.60
N ASP A 17 6.79 6.71 -11.71
CA ASP A 17 6.61 6.07 -13.01
C ASP A 17 7.97 5.78 -13.62
N THR A 18 8.33 4.50 -13.64
CA THR A 18 9.60 4.07 -14.20
C THR A 18 9.49 3.68 -15.67
N GLY A 19 8.29 3.79 -16.25
CA GLY A 19 8.11 3.66 -17.69
C GLY A 19 7.84 2.24 -18.15
N THR A 20 8.28 1.94 -19.37
CA THR A 20 8.06 0.61 -19.97
C THR A 20 9.35 -0.06 -20.45
N GLY A 21 10.51 0.51 -20.14
CA GLY A 21 11.77 -0.12 -20.45
C GLY A 21 12.29 -0.96 -19.29
N SER A 22 13.42 -1.61 -19.56
CA SER A 22 14.10 -2.43 -18.56
C SER A 22 15.03 -1.62 -17.66
N LEU A 23 15.73 -0.68 -18.29
CA LEU A 23 16.76 0.11 -17.63
C LEU A 23 16.77 1.44 -18.35
N ALA A 24 17.19 1.44 -19.61
CA ALA A 24 16.86 2.52 -20.52
C ALA A 24 15.43 2.27 -20.98
N ALA A 25 14.90 3.22 -21.75
CA ALA A 25 13.56 3.07 -22.29
C ALA A 25 13.45 1.90 -23.27
N ALA A 26 12.24 1.41 -23.46
CA ALA A 26 11.96 0.49 -24.56
C ALA A 26 12.39 1.16 -25.86
N ASN A 27 12.87 0.36 -26.80
CA ASN A 27 13.44 0.91 -28.02
C ASN A 27 13.24 -0.08 -29.15
N LEU A 28 12.39 0.27 -30.11
CA LEU A 28 12.07 -0.67 -31.17
C LEU A 28 13.24 -0.94 -32.11
N THR A 29 14.02 0.07 -32.44
CA THR A 29 15.16 -0.12 -33.34
C THR A 29 16.22 -1.04 -32.72
N ALA A 30 16.43 -0.89 -31.41
CA ALA A 30 17.35 -1.76 -30.70
C ALA A 30 16.74 -3.14 -30.35
N ARG A 31 15.44 -3.28 -30.58
CA ARG A 31 14.68 -4.49 -30.25
C ARG A 31 14.69 -4.78 -28.76
N MET A 32 14.59 -3.71 -27.96
N MET A 32 14.57 -3.71 -27.97
CA MET A 32 14.37 -3.81 -26.52
CA MET A 32 14.38 -3.81 -26.55
C MET A 32 12.88 -3.74 -26.27
C MET A 32 12.88 -3.74 -26.28
N GLN A 33 12.29 -4.91 -26.08
CA GLN A 33 10.85 -5.08 -25.96
C GLN A 33 10.35 -4.42 -24.69
N PRO A 34 9.19 -3.75 -24.75
CA PRO A 34 8.62 -3.22 -23.51
C PRO A 34 8.38 -4.31 -22.46
N ILE A 35 8.43 -3.90 -21.20
CA ILE A 35 8.22 -4.82 -20.08
C ILE A 35 7.41 -4.10 -19.00
N SER A 36 6.64 -4.86 -18.21
CA SER A 36 5.77 -4.24 -17.20
C SER A 36 6.55 -3.58 -16.07
N HIS A 37 7.61 -4.24 -15.62
CA HIS A 37 8.40 -3.79 -14.48
C HIS A 37 9.83 -3.49 -14.88
N HIS A 38 10.13 -2.21 -14.93
CA HIS A 38 11.50 -1.72 -15.04
C HIS A 38 12.29 -2.28 -13.84
N LEU A 39 13.59 -2.44 -14.00
CA LEU A 39 14.41 -2.93 -12.89
C LEU A 39 14.19 -2.14 -11.59
N ALA A 40 14.01 -0.83 -11.72
CA ALA A 40 13.84 0.09 -10.59
C ALA A 40 12.39 0.40 -10.23
N HIS A 41 11.46 -0.40 -10.73
CA HIS A 41 10.04 -0.23 -10.45
C HIS A 41 9.80 -0.07 -8.95
N PRO A 42 8.90 0.83 -8.54
CA PRO A 42 8.65 1.10 -7.13
C PRO A 42 8.07 -0.04 -6.32
N ASP A 43 7.54 -1.08 -6.97
CA ASP A 43 6.98 -2.20 -6.23
C ASP A 43 7.99 -2.86 -5.29
N THR A 44 9.27 -2.87 -5.64
CA THR A 44 10.25 -3.49 -4.76
C THR A 44 10.22 -2.84 -3.37
N LYS A 45 10.28 -1.51 -3.35
CA LYS A 45 10.25 -0.77 -2.09
C LYS A 45 8.86 -0.82 -1.44
N ARG A 46 7.80 -0.83 -2.26
CA ARG A 46 6.47 -0.95 -1.68
C ARG A 46 6.29 -2.30 -0.97
N ARG A 47 6.86 -3.36 -1.53
CA ARG A 47 6.79 -4.68 -0.89
C ARG A 47 7.50 -4.69 0.46
N PHE A 48 8.59 -3.93 0.57
CA PHE A 48 9.27 -3.75 1.85
C PHE A 48 8.30 -3.06 2.83
N HIS A 49 7.72 -1.94 2.42
CA HIS A 49 6.73 -1.27 3.27
C HIS A 49 5.60 -2.21 3.71
N GLU A 50 5.03 -2.94 2.75
CA GLU A 50 3.93 -3.82 3.09
C GLU A 50 4.35 -4.93 4.05
N LEU A 51 5.58 -5.43 3.93
CA LEU A 51 6.09 -6.39 4.91
C LEU A 51 6.30 -5.76 6.30
N VAL A 52 6.78 -4.53 6.34
CA VAL A 52 6.87 -3.81 7.63
C VAL A 52 5.51 -3.81 8.33
N CYS A 53 4.45 -3.56 7.56
CA CYS A 53 3.10 -3.58 8.11
C CYS A 53 2.63 -5.00 8.44
N ALA A 54 2.72 -5.92 7.49
CA ALA A 54 2.13 -7.25 7.64
C ALA A 54 2.85 -8.10 8.69
N SER A 55 4.13 -7.83 8.90
CA SER A 55 4.91 -8.51 9.94
C SER A 55 4.57 -8.04 11.33
N GLY A 56 3.86 -6.93 11.45
CA GLY A 56 3.59 -6.32 12.73
C GLY A 56 4.66 -5.36 13.21
N GLN A 57 5.74 -5.17 12.45
CA GLN A 57 6.76 -4.21 12.86
C GLN A 57 6.21 -2.80 12.96
N ILE A 58 5.23 -2.48 12.11
CA ILE A 58 4.62 -1.15 12.11
C ILE A 58 4.07 -0.76 13.50
N GLU A 59 3.61 -1.75 14.28
CA GLU A 59 3.08 -1.50 15.62
C GLU A 59 4.15 -1.06 16.62
N HIS A 60 5.42 -1.29 16.28
CA HIS A 60 6.58 -0.90 17.12
C HIS A 60 7.28 0.33 16.61
N LEU A 61 6.75 0.94 15.57
CA LEU A 61 7.33 2.12 14.93
C LEU A 61 6.41 3.32 15.15
N THR A 62 7.00 4.50 15.05
CA THR A 62 6.27 5.74 15.13
C THR A 62 6.18 6.29 13.71
N PRO A 63 4.99 6.23 13.08
CA PRO A 63 4.91 6.74 11.70
C PRO A 63 5.12 8.25 11.64
N ILE A 64 5.95 8.67 10.71
CA ILE A 64 6.34 10.05 10.54
C ILE A 64 5.96 10.42 9.13
N ALA A 65 5.12 11.45 8.99
CA ALA A 65 4.72 11.95 7.69
C ALA A 65 5.88 12.65 7.00
N ALA A 66 6.09 12.34 5.73
CA ALA A 66 7.03 13.12 4.95
C ALA A 66 6.49 14.53 4.78
N VAL A 67 7.40 15.50 4.82
CA VAL A 67 7.09 16.90 4.56
C VAL A 67 7.96 17.31 3.38
N ALA A 68 7.37 17.88 2.34
CA ALA A 68 8.10 18.24 1.12
C ALA A 68 9.34 19.07 1.41
N ALA A 69 10.47 18.67 0.85
CA ALA A 69 11.67 19.48 0.92
C ALA A 69 11.46 20.79 0.19
N THR A 70 11.82 21.88 0.86
CA THR A 70 11.70 23.21 0.29
C THR A 70 12.86 23.49 -0.64
N ASP A 71 12.75 24.56 -1.42
CA ASP A 71 13.88 24.99 -2.24
C ASP A 71 15.12 25.21 -1.38
N ALA A 72 14.94 25.87 -0.24
CA ALA A 72 16.07 26.11 0.68
C ALA A 72 16.73 24.81 1.12
N ASP A 73 15.91 23.81 1.43
CA ASP A 73 16.44 22.49 1.81
C ASP A 73 17.28 21.88 0.69
N ILE A 74 16.72 21.92 -0.52
CA ILE A 74 17.39 21.33 -1.69
C ILE A 74 18.70 22.06 -2.00
N LEU A 75 18.71 23.39 -1.87
CA LEU A 75 19.89 24.20 -2.18
C LEU A 75 21.06 24.00 -1.22
N ARG A 76 20.86 23.34 -0.09
CA ARG A 76 21.99 22.97 0.79
C ARG A 76 22.82 21.83 0.21
N ALA A 77 22.25 21.09 -0.75
CA ALA A 77 22.96 19.97 -1.39
C ALA A 77 23.17 20.17 -2.89
N HIS A 78 22.37 21.02 -3.53
CA HIS A 78 22.37 21.16 -4.98
C HIS A 78 22.41 22.60 -5.43
N SER A 79 22.80 22.76 -6.69
CA SER A 79 22.84 24.06 -7.31
C SER A 79 21.46 24.59 -7.66
N ALA A 80 21.35 25.91 -7.74
CA ALA A 80 20.11 26.56 -8.17
C ALA A 80 19.75 26.13 -9.58
N ALA A 81 20.76 25.99 -10.45
CA ALA A 81 20.49 25.54 -11.83
C ALA A 81 19.86 24.15 -11.86
N HIS A 82 20.33 23.25 -11.00
CA HIS A 82 19.77 21.90 -10.94
C HIS A 82 18.31 21.92 -10.45
N LEU A 83 18.05 22.68 -9.37
CA LEU A 83 16.69 22.81 -8.85
C LEU A 83 15.75 23.39 -9.91
N GLU A 84 16.20 24.45 -10.57
CA GLU A 84 15.39 25.09 -11.60
C GLU A 84 15.18 24.15 -12.78
N ASN A 85 16.20 23.35 -13.12
CA ASN A 85 16.00 22.36 -14.19
C ASN A 85 14.98 21.30 -13.81
N MET A 86 15.01 20.87 -12.54
CA MET A 86 14.03 19.90 -12.10
C MET A 86 12.61 20.48 -12.09
N LYS A 87 12.46 21.74 -11.67
CA LYS A 87 11.15 22.44 -11.74
C LYS A 87 10.70 22.52 -13.19
N ARG A 88 11.63 22.85 -14.09
CA ARG A 88 11.35 22.90 -15.53
C ARG A 88 10.86 21.56 -16.08
N VAL A 89 11.61 20.50 -15.81
CA VAL A 89 11.30 19.18 -16.36
C VAL A 89 9.95 18.70 -15.81
N SER A 90 9.76 18.86 -14.50
CA SER A 90 8.49 18.46 -13.87
C SER A 90 7.28 19.24 -14.40
N ASN A 91 7.49 20.49 -14.82
CA ASN A 91 6.41 21.30 -15.37
C ASN A 91 6.09 21.01 -16.83
N LEU A 92 6.96 20.29 -17.53
CA LEU A 92 6.68 19.93 -18.93
C LEU A 92 5.42 19.06 -18.94
N PRO A 93 4.58 19.19 -19.99
CA PRO A 93 3.25 18.53 -19.96
C PRO A 93 3.28 17.01 -19.76
N THR A 94 4.33 16.37 -20.25
CA THR A 94 4.52 14.94 -20.05
C THR A 94 5.87 14.66 -19.39
N GLY A 95 6.37 15.63 -18.63
CA GLY A 95 7.69 15.48 -18.00
C GLY A 95 8.80 15.40 -19.03
N GLY A 96 9.91 14.77 -18.64
CA GLY A 96 11.02 14.60 -19.56
C GLY A 96 12.34 14.19 -18.94
N ASP A 97 13.39 14.39 -19.75
CA ASP A 97 14.77 13.98 -19.45
C ASP A 97 15.40 14.98 -18.49
N THR A 98 15.91 14.48 -17.36
CA THR A 98 16.51 15.31 -16.33
C THR A 98 17.94 15.74 -16.66
N GLY A 99 18.53 15.15 -17.70
CA GLY A 99 19.81 15.61 -18.26
C GLY A 99 20.70 14.48 -18.76
N ASP A 100 20.66 13.33 -18.07
CA ASP A 100 21.57 12.23 -18.40
C ASP A 100 21.09 11.32 -19.52
N GLY A 101 19.84 11.50 -19.95
CA GLY A 101 19.26 10.72 -21.03
C GLY A 101 18.53 9.45 -20.61
N ILE A 102 18.55 9.15 -19.31
CA ILE A 102 17.89 7.97 -18.75
C ILE A 102 17.00 8.28 -17.54
N THR A 103 17.44 9.20 -16.68
CA THR A 103 16.69 9.59 -15.51
C THR A 103 15.59 10.57 -15.94
N MET A 104 14.35 10.13 -15.74
CA MET A 104 13.17 10.90 -16.17
C MET A 104 12.31 11.30 -14.99
N MET A 105 11.57 12.39 -15.14
CA MET A 105 10.48 12.69 -14.22
C MET A 105 9.22 12.87 -15.03
N GLY A 106 8.12 12.42 -14.45
CA GLY A 106 6.81 12.67 -14.98
C GLY A 106 6.39 14.11 -14.75
N ASN A 107 5.28 14.48 -15.38
CA ASN A 107 4.68 15.77 -15.07
C ASN A 107 4.32 15.73 -13.58
N GLY A 108 4.76 16.74 -12.83
CA GLY A 108 4.54 16.76 -11.40
C GLY A 108 5.41 15.80 -10.59
N GLY A 109 6.40 15.15 -11.22
CA GLY A 109 7.22 14.20 -10.51
C GLY A 109 8.12 14.85 -9.45
N LEU A 110 8.31 16.16 -9.55
CA LEU A 110 9.05 16.90 -8.54
C LEU A 110 8.38 16.78 -7.18
N GLU A 111 7.05 16.62 -7.15
CA GLU A 111 6.35 16.40 -5.89
C GLU A 111 6.93 15.21 -5.15
N ILE A 112 7.17 14.11 -5.86
CA ILE A 112 7.65 12.90 -5.21
C ILE A 112 9.11 13.10 -4.81
N ALA A 113 9.92 13.70 -5.68
CA ALA A 113 11.31 13.96 -5.35
C ALA A 113 11.42 14.84 -4.10
N ARG A 114 10.56 15.86 -3.97
CA ARG A 114 10.55 16.66 -2.74
C ARG A 114 10.15 15.86 -1.52
N LEU A 115 9.15 14.99 -1.66
CA LEU A 115 8.72 14.15 -0.52
C LEU A 115 9.76 13.13 -0.10
N SER A 116 10.54 12.66 -1.06
CA SER A 116 11.61 11.71 -0.78
C SER A 116 12.72 12.40 0.04
N ALA A 117 13.22 13.52 -0.45
CA ALA A 117 14.23 14.27 0.29
C ALA A 117 13.68 14.76 1.63
N GLY A 118 12.42 15.20 1.61
CA GLY A 118 11.77 15.69 2.81
C GLY A 118 11.49 14.65 3.86
N GLY A 119 11.28 13.40 3.46
CA GLY A 119 11.16 12.30 4.40
C GLY A 119 12.45 12.10 5.18
N ALA A 120 13.58 12.19 4.48
CA ALA A 120 14.88 12.12 5.12
C ALA A 120 15.11 13.28 6.09
N VAL A 121 14.73 14.50 5.67
CA VAL A 121 14.88 15.69 6.51
C VAL A 121 14.01 15.59 7.76
N GLU A 122 12.75 15.22 7.59
CA GLU A 122 11.81 15.17 8.72
C GLU A 122 12.26 14.16 9.75
N LEU A 123 12.72 12.99 9.32
CA LEU A 123 13.22 12.01 10.25
C LEU A 123 14.49 12.50 10.95
N THR A 124 15.39 13.12 10.19
CA THR A 124 16.61 13.69 10.75
C THR A 124 16.29 14.71 11.84
N ARG A 125 15.35 15.62 11.56
CA ARG A 125 14.97 16.63 12.52
C ARG A 125 14.49 16.00 13.81
N ARG A 126 13.63 14.99 13.69
CA ARG A 126 13.00 14.42 14.87
C ARG A 126 13.92 13.53 15.69
N VAL A 127 14.87 12.88 15.03
CA VAL A 127 15.93 12.17 15.75
C VAL A 127 16.89 13.15 16.44
N ALA A 128 17.32 14.18 15.71
CA ALA A 128 18.27 15.14 16.28
C ALA A 128 17.76 15.89 17.51
N THR A 129 16.47 16.20 17.53
CA THR A 129 15.88 16.90 18.67
C THR A 129 15.69 16.00 19.88
N GLY A 130 15.72 14.68 19.68
CA GLY A 130 15.47 13.74 20.76
C GLY A 130 14.03 13.26 20.88
N GLU A 131 13.17 13.71 19.96
CA GLU A 131 11.79 13.20 19.92
C GLU A 131 11.81 11.70 19.60
N LEU A 132 12.70 11.33 18.68
CA LEU A 132 12.94 9.93 18.30
C LEU A 132 14.37 9.58 18.62
N SER A 133 14.62 8.31 18.91
CA SER A 133 15.99 7.83 19.12
C SER A 133 16.69 7.48 17.81
N ALA A 134 15.92 7.06 16.81
CA ALA A 134 16.47 6.61 15.52
C ALA A 134 15.33 6.44 14.55
N GLY A 135 15.61 6.10 13.30
CA GLY A 135 14.53 5.80 12.39
C GLY A 135 14.96 5.32 11.03
N TYR A 136 13.95 4.95 10.24
CA TYR A 136 14.13 4.45 8.88
C TYR A 136 13.19 5.23 7.95
N ALA A 137 13.76 5.92 6.97
CA ALA A 137 12.98 6.63 5.94
C ALA A 137 13.00 5.79 4.67
N LEU A 138 11.88 5.13 4.39
CA LEU A 138 11.75 4.23 3.23
C LEU A 138 11.30 5.06 2.03
N VAL A 139 12.22 5.84 1.50
CA VAL A 139 11.92 6.83 0.48
C VAL A 139 12.15 6.27 -0.91
N ASN A 140 11.59 6.95 -1.89
CA ASN A 140 11.82 6.68 -3.30
C ASN A 140 11.32 7.93 -4.04
N PRO A 141 12.07 8.49 -5.00
CA PRO A 141 13.31 8.01 -5.61
C PRO A 141 14.53 8.12 -4.69
N PRO A 142 15.57 7.34 -5.00
CA PRO A 142 16.82 7.33 -4.24
C PRO A 142 17.66 8.56 -4.51
N GLY A 143 18.80 8.65 -3.83
CA GLY A 143 19.57 9.89 -3.83
C GLY A 143 21.03 9.88 -4.19
N HIS A 144 21.74 8.79 -3.89
CA HIS A 144 23.20 8.91 -3.73
C HIS A 144 24.02 9.16 -4.99
N HIS A 145 23.43 8.93 -6.18
CA HIS A 145 24.14 9.26 -7.42
C HIS A 145 24.02 10.69 -7.86
N ALA A 146 23.10 11.46 -7.27
CA ALA A 146 22.89 12.82 -7.73
C ALA A 146 23.97 13.73 -7.15
N PRO A 147 24.85 14.29 -8.01
CA PRO A 147 25.87 15.20 -7.50
C PRO A 147 25.30 16.60 -7.33
N HIS A 148 26.15 17.57 -7.04
CA HIS A 148 25.66 18.91 -6.74
C HIS A 148 24.81 19.51 -7.87
N ASN A 149 25.27 19.30 -9.10
CA ASN A 149 24.70 19.99 -10.26
C ASN A 149 23.86 19.14 -11.23
N ALA A 150 23.42 17.95 -10.82
CA ALA A 150 22.70 17.07 -11.74
C ALA A 150 21.89 15.98 -11.07
N ALA A 151 20.97 15.43 -11.85
CA ALA A 151 20.32 14.15 -11.55
C ALA A 151 21.12 13.07 -12.25
N MET A 152 21.14 11.88 -11.67
CA MET A 152 21.90 10.75 -12.22
C MET A 152 21.47 9.44 -11.59
N GLY A 153 21.52 8.36 -12.36
CA GLY A 153 21.28 7.02 -11.80
C GLY A 153 19.97 6.88 -11.04
N PHE A 154 18.91 7.44 -11.63
N PHE A 154 18.91 7.44 -11.63
CA PHE A 154 17.53 7.46 -11.10
CA PHE A 154 17.53 7.50 -11.12
C PHE A 154 17.34 8.30 -9.84
C PHE A 154 17.34 8.31 -9.84
N CYS A 155 18.37 9.10 -9.51
CA CYS A 155 18.32 9.98 -8.36
C CYS A 155 18.12 11.41 -8.84
N ILE A 156 17.08 12.06 -8.32
CA ILE A 156 16.75 13.45 -8.67
C ILE A 156 17.49 14.41 -7.72
N PHE A 157 17.33 14.17 -6.42
CA PHE A 157 18.08 14.89 -5.38
C PHE A 157 18.74 13.91 -4.46
N ASN A 158 19.81 14.35 -3.82
CA ASN A 158 20.63 13.51 -2.99
C ASN A 158 20.04 13.59 -1.58
N ASN A 159 19.12 12.70 -1.30
CA ASN A 159 18.33 12.73 -0.06
C ASN A 159 19.18 12.80 1.19
N THR A 160 20.19 11.95 1.28
CA THR A 160 21.02 11.97 2.48
C THR A 160 21.84 13.25 2.63
N SER A 161 22.24 13.84 1.51
N SER A 161 22.25 13.84 1.50
CA SER A 161 22.96 15.12 1.56
CA SER A 161 22.98 15.12 1.54
C SER A 161 22.04 16.28 1.88
C SER A 161 22.04 16.28 1.88
N VAL A 162 20.79 16.22 1.43
CA VAL A 162 19.80 17.23 1.84
C VAL A 162 19.60 17.14 3.36
N ALA A 163 19.50 15.93 3.89
CA ALA A 163 19.36 15.72 5.33
C ALA A 163 20.62 16.17 6.09
N ALA A 164 21.81 15.83 5.59
CA ALA A 164 23.06 16.30 6.23
C ALA A 164 23.18 17.81 6.23
N GLY A 165 22.80 18.41 5.11
CA GLY A 165 22.83 19.88 4.98
C GLY A 165 21.92 20.55 5.98
N TYR A 166 20.76 19.94 6.21
CA TYR A 166 19.80 20.43 7.20
C TYR A 166 20.41 20.30 8.61
N ALA A 167 20.99 19.14 8.90
CA ALA A 167 21.63 18.94 10.21
C ALA A 167 22.75 19.96 10.48
N ARG A 168 23.53 20.26 9.44
CA ARG A 168 24.59 21.26 9.52
C ARG A 168 24.05 22.69 9.71
N ALA A 169 23.21 23.13 8.79
CA ALA A 169 22.80 24.54 8.73
C ALA A 169 21.70 24.90 9.73
N VAL A 170 20.71 24.02 9.88
CA VAL A 170 19.52 24.33 10.67
C VAL A 170 19.72 23.88 12.10
N LEU A 171 20.24 22.66 12.27
CA LEU A 171 20.47 22.13 13.61
C LEU A 171 21.85 22.50 14.20
N GLY A 172 22.74 23.06 13.39
CA GLY A 172 24.03 23.52 13.89
C GLY A 172 25.01 22.43 14.29
N MET A 173 24.84 21.24 13.74
CA MET A 173 25.82 20.19 13.96
C MET A 173 27.09 20.53 13.19
N GLU A 174 28.23 20.33 13.84
CA GLU A 174 29.52 20.62 13.23
C GLU A 174 30.07 19.46 12.41
N ARG A 175 29.65 18.23 12.74
CA ARG A 175 30.15 17.02 12.08
C ARG A 175 28.99 16.05 11.87
N VAL A 176 28.84 15.60 10.64
CA VAL A 176 27.85 14.59 10.26
C VAL A 176 28.57 13.54 9.41
N ALA A 177 28.15 12.27 9.53
CA ALA A 177 28.68 11.21 8.68
C ALA A 177 27.56 10.61 7.85
N ILE A 178 27.87 10.35 6.58
CA ILE A 178 26.99 9.58 5.70
C ILE A 178 27.71 8.28 5.34
N LEU A 179 27.13 7.16 5.77
CA LEU A 179 27.64 5.82 5.48
C LEU A 179 26.73 5.20 4.43
N ASP A 180 27.24 4.96 3.25
CA ASP A 180 26.48 4.43 2.13
C ASP A 180 26.90 3.00 1.87
N TRP A 181 25.99 2.05 2.09
CA TRP A 181 26.24 0.65 1.76
C TRP A 181 25.42 0.13 0.61
N ASP A 182 24.78 1.03 -0.12
CA ASP A 182 24.28 0.67 -1.47
C ASP A 182 25.48 0.11 -2.23
N VAL A 183 25.25 -0.94 -3.02
CA VAL A 183 26.33 -1.64 -3.70
C VAL A 183 27.01 -0.81 -4.79
N HIS A 184 26.36 0.26 -5.22
CA HIS A 184 26.92 1.17 -6.20
C HIS A 184 27.57 2.35 -5.49
N HIS A 185 28.64 2.84 -6.07
CA HIS A 185 29.38 3.95 -5.49
C HIS A 185 28.48 5.17 -5.35
N GLY A 186 28.51 5.78 -4.16
CA GLY A 186 27.78 7.02 -3.89
C GLY A 186 28.53 8.22 -4.44
N ASN A 187 28.64 8.29 -5.76
CA ASN A 187 29.41 9.35 -6.40
C ASN A 187 28.80 10.74 -6.18
N GLY A 188 27.48 10.80 -6.07
CA GLY A 188 26.81 12.09 -5.89
C GLY A 188 27.17 12.68 -4.55
N THR A 189 27.07 11.85 -3.52
CA THR A 189 27.39 12.26 -2.15
C THR A 189 28.86 12.66 -2.04
N GLN A 190 29.72 11.86 -2.66
CA GLN A 190 31.14 12.16 -2.72
C GLN A 190 31.38 13.55 -3.31
N ASP A 191 30.71 13.83 -4.43
CA ASP A 191 30.84 15.11 -5.12
C ASP A 191 30.41 16.29 -4.25
N ILE A 192 29.26 16.14 -3.61
CA ILE A 192 28.66 17.26 -2.90
C ILE A 192 29.57 17.72 -1.77
N TRP A 193 30.16 16.78 -1.04
CA TRP A 193 30.94 17.12 0.14
C TRP A 193 32.44 17.00 -0.08
N TRP A 194 32.86 16.93 -1.34
CA TRP A 194 34.24 16.68 -1.74
C TRP A 194 35.25 17.60 -1.03
N ASN A 195 34.92 18.89 -0.93
CA ASN A 195 35.83 19.88 -0.34
C ASN A 195 35.53 20.17 1.13
N ASP A 196 34.66 19.38 1.74
CA ASP A 196 34.06 19.72 3.03
C ASP A 196 34.31 18.65 4.09
N PRO A 197 35.13 18.97 5.11
CA PRO A 197 35.41 18.00 6.18
C PRO A 197 34.29 17.85 7.23
N SER A 198 33.27 18.70 7.15
CA SER A 198 32.15 18.66 8.09
C SER A 198 31.11 17.59 7.81
N VAL A 199 31.22 16.94 6.65
CA VAL A 199 30.41 15.76 6.32
C VAL A 199 31.37 14.66 5.85
N LEU A 200 31.61 13.67 6.71
CA LEU A 200 32.40 12.50 6.34
C LEU A 200 31.54 11.62 5.48
N THR A 201 32.04 11.30 4.29
CA THR A 201 31.30 10.48 3.34
C THR A 201 32.03 9.15 3.15
N ILE A 202 31.32 8.06 3.39
CA ILE A 202 31.90 6.71 3.26
C ILE A 202 31.02 5.93 2.29
N SER A 203 31.65 5.22 1.36
CA SER A 203 30.92 4.37 0.41
C SER A 203 31.54 2.98 0.33
N LEU A 204 30.79 1.98 0.78
CA LEU A 204 31.17 0.58 0.64
C LEU A 204 30.40 0.10 -0.60
N HIS A 205 31.10 -0.47 -1.58
CA HIS A 205 30.46 -0.75 -2.88
C HIS A 205 31.23 -1.79 -3.65
N GLN A 206 30.56 -2.35 -4.65
CA GLN A 206 31.23 -3.21 -5.63
C GLN A 206 32.06 -2.36 -6.57
N HIS A 207 33.34 -2.67 -6.67
CA HIS A 207 34.26 -1.88 -7.49
C HIS A 207 33.82 -1.78 -8.95
N LEU A 208 33.59 -0.55 -9.41
CA LEU A 208 33.25 -0.24 -10.81
C LEU A 208 31.93 -0.81 -11.28
N CYS A 209 31.03 -1.09 -10.36
CA CYS A 209 29.71 -1.59 -10.73
C CYS A 209 28.90 -0.46 -11.38
N PHE A 210 28.70 0.64 -10.65
CA PHE A 210 28.20 1.89 -11.25
C PHE A 210 28.49 3.05 -10.29
N PRO A 211 29.05 4.18 -10.79
CA PRO A 211 29.45 4.46 -12.16
C PRO A 211 30.70 3.67 -12.56
N PRO A 212 31.02 3.63 -13.86
CA PRO A 212 32.17 2.85 -14.33
C PRO A 212 33.54 3.45 -14.02
N ASP A 213 33.59 4.70 -13.60
CA ASP A 213 34.89 5.38 -13.53
C ASP A 213 35.15 6.02 -12.18
N SER A 214 34.47 5.54 -11.14
CA SER A 214 34.63 6.15 -9.83
C SER A 214 34.56 5.15 -8.70
N GLY A 215 34.86 5.63 -7.52
CA GLY A 215 34.82 4.82 -6.30
C GLY A 215 36.16 4.24 -5.92
N TYR A 216 37.23 4.66 -6.58
CA TYR A 216 38.58 4.23 -6.21
C TYR A 216 38.98 4.76 -4.85
N SER A 217 39.85 4.01 -4.17
CA SER A 217 40.38 4.38 -2.86
C SER A 217 41.18 5.71 -2.86
N THR A 218 41.70 6.09 -4.03
CA THR A 218 42.45 7.33 -4.20
C THR A 218 41.57 8.59 -4.26
N GLU A 219 40.26 8.41 -4.30
CA GLU A 219 39.34 9.56 -4.30
C GLU A 219 39.06 9.91 -2.84
N ARG A 220 39.76 10.94 -2.34
CA ARG A 220 39.82 11.21 -0.91
C ARG A 220 39.35 12.59 -0.48
N GLY A 221 38.78 13.35 -1.40
CA GLY A 221 38.38 14.72 -1.14
C GLY A 221 39.47 15.68 -1.56
N ALA A 222 39.23 16.97 -1.33
CA ALA A 222 40.17 18.00 -1.70
C ALA A 222 40.14 19.16 -0.72
N GLY A 223 41.23 19.90 -0.70
CA GLY A 223 41.35 21.06 0.19
C GLY A 223 41.16 20.65 1.64
N ASN A 224 40.37 21.43 2.37
CA ASN A 224 40.07 21.12 3.76
C ASN A 224 39.34 19.78 3.93
N GLY A 225 38.67 19.34 2.86
CA GLY A 225 38.03 18.05 2.81
C GLY A 225 38.93 16.86 2.53
N HIS A 226 40.22 17.07 2.27
CA HIS A 226 41.10 15.95 1.98
C HIS A 226 41.22 15.03 3.19
N GLY A 227 40.88 13.77 2.97
CA GLY A 227 40.83 12.77 4.03
C GLY A 227 39.45 12.47 4.58
N TYR A 228 38.43 13.20 4.12
CA TYR A 228 37.08 13.09 4.67
C TYR A 228 36.10 12.52 3.65
N ASN A 229 36.63 11.79 2.67
CA ASN A 229 35.86 10.90 1.80
C ASN A 229 36.57 9.58 1.79
N ILE A 230 35.85 8.49 2.05
CA ILE A 230 36.46 7.16 2.15
C ILE A 230 35.67 6.19 1.29
N ASN A 231 36.31 5.69 0.24
CA ASN A 231 35.73 4.65 -0.60
C ASN A 231 36.30 3.31 -0.22
N VAL A 232 35.41 2.32 -0.14
CA VAL A 232 35.83 0.94 0.12
C VAL A 232 35.29 0.06 -1.02
N PRO A 233 36.01 0.04 -2.16
CA PRO A 233 35.60 -0.80 -3.27
C PRO A 233 35.94 -2.25 -3.00
N LEU A 234 34.95 -3.13 -3.21
CA LEU A 234 35.10 -4.56 -2.95
C LEU A 234 34.91 -5.33 -4.24
N PRO A 235 35.49 -6.54 -4.32
CA PRO A 235 35.36 -7.29 -5.56
C PRO A 235 34.00 -7.96 -5.68
N PRO A 236 33.56 -8.18 -6.92
CA PRO A 236 32.37 -9.02 -7.15
C PRO A 236 32.46 -10.35 -6.41
N GLY A 237 31.33 -10.84 -5.93
CA GLY A 237 31.27 -12.07 -5.18
C GLY A 237 31.50 -11.92 -3.67
N SER A 238 31.79 -10.72 -3.21
CA SER A 238 31.97 -10.47 -1.78
C SER A 238 30.66 -10.68 -1.05
N GLY A 239 30.71 -11.32 0.11
CA GLY A 239 29.52 -11.61 0.90
C GLY A 239 29.61 -11.12 2.32
N ASN A 240 28.92 -11.80 3.22
CA ASN A 240 28.81 -11.33 4.59
C ASN A 240 30.19 -11.18 5.25
N ALA A 241 31.11 -12.11 5.00
CA ALA A 241 32.42 -12.05 5.66
C ALA A 241 33.16 -10.77 5.26
N ALA A 242 33.18 -10.46 3.96
CA ALA A 242 33.86 -9.27 3.47
C ALA A 242 33.20 -8.01 3.99
N TYR A 243 31.88 -7.97 3.92
CA TYR A 243 31.16 -6.78 4.37
C TYR A 243 31.38 -6.52 5.87
N LEU A 244 31.33 -7.56 6.68
CA LEU A 244 31.55 -7.38 8.12
C LEU A 244 33.00 -7.05 8.45
N HIS A 245 33.96 -7.62 7.72
CA HIS A 245 35.37 -7.25 7.88
C HIS A 245 35.56 -5.76 7.53
N ALA A 246 34.90 -5.29 6.48
CA ALA A 246 34.96 -3.88 6.10
C ALA A 246 34.35 -2.99 7.18
N MET A 247 33.26 -3.45 7.78
CA MET A 247 32.64 -2.71 8.87
C MET A 247 33.61 -2.60 10.05
N ASP A 248 34.21 -3.72 10.42
CA ASP A 248 35.04 -3.79 11.62
C ASP A 248 36.39 -3.11 11.45
N GLN A 249 36.99 -3.23 10.27
CA GLN A 249 38.33 -2.70 10.02
C GLN A 249 38.37 -1.27 9.54
N VAL A 250 37.33 -0.82 8.88
CA VAL A 250 37.34 0.48 8.20
C VAL A 250 36.20 1.37 8.65
N VAL A 251 34.96 0.92 8.50
CA VAL A 251 33.83 1.83 8.65
C VAL A 251 33.65 2.29 10.08
N LEU A 252 33.58 1.35 11.01
CA LEU A 252 33.36 1.69 12.40
C LEU A 252 34.56 2.45 12.99
N PRO A 253 35.81 2.02 12.69
CA PRO A 253 36.93 2.88 13.12
C PRO A 253 36.90 4.30 12.54
N ALA A 254 36.49 4.46 11.29
CA ALA A 254 36.37 5.79 10.69
C ALA A 254 35.36 6.65 11.42
N LEU A 255 34.20 6.07 11.73
CA LEU A 255 33.17 6.80 12.48
C LEU A 255 33.68 7.19 13.88
N ARG A 256 34.35 6.27 14.57
CA ARG A 256 34.87 6.57 15.89
C ARG A 256 35.96 7.63 15.86
N ALA A 257 36.79 7.63 14.81
CA ALA A 257 37.83 8.65 14.67
C ALA A 257 37.21 10.04 14.41
N TYR A 258 36.15 10.06 13.62
CA TYR A 258 35.55 11.32 13.18
C TYR A 258 34.64 11.96 14.22
N ARG A 259 33.98 11.15 15.03
CA ARG A 259 33.06 11.64 16.07
C ARG A 259 31.94 12.49 15.47
N PRO A 260 31.16 11.92 14.55
CA PRO A 260 30.02 12.68 14.04
C PRO A 260 28.98 12.89 15.13
N GLN A 261 28.18 13.92 15.01
CA GLN A 261 27.07 14.16 15.92
C GLN A 261 25.76 13.48 15.46
N LEU A 262 25.78 12.95 14.25
CA LEU A 262 24.68 12.23 13.63
C LEU A 262 25.27 11.31 12.57
N ILE A 263 24.74 10.09 12.48
CA ILE A 263 25.10 9.15 11.42
C ILE A 263 23.86 8.97 10.54
N ILE A 264 24.02 9.22 9.25
CA ILE A 264 22.99 8.94 8.26
C ILE A 264 23.47 7.75 7.45
N VAL A 265 22.65 6.71 7.34
CA VAL A 265 23.03 5.55 6.54
C VAL A 265 22.26 5.59 5.22
N GLY A 266 22.98 5.56 4.11
CA GLY A 266 22.40 5.30 2.79
C GLY A 266 22.21 3.81 2.68
N SER A 267 20.99 3.38 2.98
CA SER A 267 20.65 1.98 3.18
C SER A 267 20.08 1.40 1.89
N GLY A 268 20.97 0.93 1.02
CA GLY A 268 20.56 0.12 -0.13
C GLY A 268 20.67 -1.36 0.21
N PHE A 269 19.91 -2.19 -0.52
CA PHE A 269 19.99 -3.64 -0.37
C PHE A 269 20.36 -4.33 -1.68
N ASP A 270 20.94 -3.56 -2.59
CA ASP A 270 21.38 -4.11 -3.87
C ASP A 270 22.67 -4.94 -3.78
N ALA A 271 23.31 -4.98 -2.59
CA ALA A 271 24.37 -5.97 -2.35
C ALA A 271 23.82 -7.34 -2.01
N SER A 272 22.50 -7.53 -2.03
CA SER A 272 21.95 -8.83 -1.66
C SER A 272 22.31 -9.92 -2.65
N MET A 273 22.28 -11.14 -2.14
CA MET A 273 22.58 -12.35 -2.88
C MET A 273 21.74 -12.52 -4.13
N LEU A 274 20.52 -11.95 -4.15
CA LEU A 274 19.60 -12.15 -5.28
C LEU A 274 19.39 -10.88 -6.12
N ASP A 275 20.25 -9.89 -5.96
CA ASP A 275 20.02 -8.65 -6.72
C ASP A 275 20.50 -8.81 -8.18
N PRO A 276 19.70 -8.37 -9.15
CA PRO A 276 20.17 -8.40 -10.54
C PRO A 276 21.24 -7.34 -10.87
N LEU A 277 21.29 -6.24 -10.14
CA LEU A 277 22.13 -5.10 -10.55
C LEU A 277 23.48 -5.01 -9.85
N ALA A 278 23.84 -6.09 -9.17
CA ALA A 278 25.22 -6.25 -8.67
C ALA A 278 25.49 -7.73 -8.43
N ARG A 279 26.74 -8.05 -8.07
CA ARG A 279 27.22 -9.43 -7.97
C ARG A 279 27.67 -9.77 -6.55
N MET A 280 27.06 -9.16 -5.54
CA MET A 280 27.47 -9.40 -4.17
C MET A 280 26.57 -10.45 -3.49
N MET A 281 26.99 -10.89 -2.31
CA MET A 281 26.43 -12.09 -1.67
C MET A 281 25.92 -11.84 -0.26
N VAL A 282 25.49 -10.62 0.01
CA VAL A 282 25.02 -10.28 1.34
C VAL A 282 23.63 -10.87 1.55
N THR A 283 23.41 -11.48 2.71
CA THR A 283 22.09 -11.98 3.05
C THR A 283 21.41 -11.05 4.04
N ALA A 284 20.14 -11.31 4.32
CA ALA A 284 19.41 -10.50 5.30
C ALA A 284 20.14 -10.53 6.66
N ASP A 285 20.70 -11.68 7.03
CA ASP A 285 21.48 -11.76 8.27
C ASP A 285 22.73 -10.88 8.23
N GLY A 286 23.32 -10.74 7.04
CA GLY A 286 24.44 -9.83 6.86
C GLY A 286 24.05 -8.37 7.07
N PHE A 287 22.96 -7.97 6.42
CA PHE A 287 22.44 -6.60 6.63
C PHE A 287 22.05 -6.38 8.08
N ARG A 288 21.47 -7.41 8.72
CA ARG A 288 21.14 -7.33 10.14
C ARG A 288 22.36 -6.99 10.98
N GLN A 289 23.45 -7.73 10.76
CA GLN A 289 24.69 -7.53 11.52
C GLN A 289 25.30 -6.16 11.22
N MET A 290 25.23 -5.71 9.95
CA MET A 290 25.71 -4.40 9.58
C MET A 290 24.93 -3.29 10.32
N ALA A 291 23.62 -3.44 10.36
CA ALA A 291 22.77 -2.47 11.04
C ALA A 291 23.02 -2.46 12.54
N ARG A 292 23.08 -3.64 13.15
CA ARG A 292 23.36 -3.78 14.59
C ARG A 292 24.64 -3.07 14.96
N ARG A 293 25.69 -3.34 14.20
CA ARG A 293 26.99 -2.71 14.44
C ARG A 293 26.95 -1.18 14.35
N THR A 294 26.23 -0.66 13.36
CA THR A 294 26.18 0.78 13.12
C THR A 294 25.32 1.48 14.17
N ILE A 295 24.21 0.86 14.55
CA ILE A 295 23.34 1.39 15.60
C ILE A 295 24.10 1.42 16.92
N ASP A 296 24.84 0.34 17.22
CA ASP A 296 25.60 0.28 18.47
C ASP A 296 26.72 1.33 18.47
N CYS A 297 27.32 1.56 17.30
CA CYS A 297 28.34 2.58 17.19
C CYS A 297 27.76 3.97 17.49
N ALA A 298 26.60 4.24 16.90
CA ALA A 298 25.88 5.49 17.20
C ALA A 298 25.59 5.65 18.69
N ALA A 299 25.18 4.57 19.34
CA ALA A 299 24.94 4.60 20.79
C ALA A 299 26.19 5.03 21.56
N ASP A 300 27.35 4.54 21.11
CA ASP A 300 28.62 4.85 21.76
C ASP A 300 29.11 6.28 21.52
N ILE A 301 28.89 6.80 20.29
CA ILE A 301 29.59 8.04 19.90
C ILE A 301 28.72 9.28 19.67
N CYS A 302 27.43 9.10 19.40
CA CYS A 302 26.56 10.26 19.15
C CYS A 302 25.16 10.11 19.73
N ASP A 303 25.10 9.60 20.96
N ASP A 303 25.10 9.60 20.96
CA ASP A 303 23.84 9.51 21.72
CA ASP A 303 23.86 9.48 21.73
C ASP A 303 22.75 8.72 20.97
C ASP A 303 22.76 8.72 20.97
N GLY A 304 23.17 7.74 20.18
CA GLY A 304 22.24 6.91 19.42
C GLY A 304 21.61 7.55 18.19
N ARG A 305 22.08 8.72 17.79
CA ARG A 305 21.44 9.43 16.70
C ARG A 305 21.80 8.86 15.34
N ILE A 306 20.91 8.04 14.80
CA ILE A 306 21.13 7.37 13.54
C ILE A 306 19.84 7.36 12.73
N VAL A 307 19.97 7.72 11.45
CA VAL A 307 18.85 7.78 10.50
C VAL A 307 19.23 6.96 9.29
N PHE A 308 18.43 5.94 9.01
CA PHE A 308 18.58 5.13 7.80
C PHE A 308 17.67 5.71 6.71
N VAL A 309 18.21 5.85 5.50
CA VAL A 309 17.49 6.41 4.35
C VAL A 309 17.64 5.45 3.20
N GLN A 310 16.53 4.98 2.64
CA GLN A 310 16.56 3.99 1.57
C GLN A 310 17.30 4.48 0.33
N GLU A 311 18.22 3.66 -0.16
CA GLU A 311 18.86 3.85 -1.47
C GLU A 311 18.33 2.76 -2.42
N GLY A 312 19.19 2.01 -3.11
CA GLY A 312 18.74 1.05 -4.10
C GLY A 312 18.42 -0.32 -3.56
N GLY A 313 18.31 -1.26 -4.49
CA GLY A 313 17.88 -2.62 -4.20
C GLY A 313 16.77 -3.00 -5.15
N TYR A 314 16.94 -4.13 -5.81
CA TYR A 314 16.18 -4.47 -7.02
C TYR A 314 15.60 -5.86 -7.04
N SER A 315 15.63 -6.56 -5.90
CA SER A 315 14.94 -7.84 -5.79
C SER A 315 13.60 -7.65 -5.10
N PRO A 316 12.49 -7.68 -5.86
CA PRO A 316 11.21 -7.58 -5.14
C PRO A 316 10.94 -8.78 -4.25
N HIS A 317 11.59 -9.89 -4.55
CA HIS A 317 11.44 -11.13 -3.80
C HIS A 317 12.12 -11.04 -2.45
N TYR A 318 13.37 -10.57 -2.47
CA TYR A 318 14.22 -10.67 -1.28
C TYR A 318 14.46 -9.37 -0.53
N LEU A 319 14.46 -8.24 -1.25
CA LEU A 319 14.71 -6.97 -0.58
C LEU A 319 13.82 -6.76 0.66
N PRO A 320 12.53 -7.12 0.59
CA PRO A 320 11.70 -6.89 1.77
C PRO A 320 12.28 -7.53 3.05
N PHE A 321 12.86 -8.72 2.94
CA PHE A 321 13.42 -9.39 4.10
C PHE A 321 14.73 -8.80 4.57
N CYS A 322 15.50 -8.27 3.65
CA CYS A 322 16.73 -7.55 3.99
C CYS A 322 16.39 -6.27 4.75
N GLY A 323 15.43 -5.52 4.22
CA GLY A 323 14.93 -4.31 4.89
C GLY A 323 14.31 -4.60 6.23
N LEU A 324 13.52 -5.66 6.31
CA LEU A 324 12.88 -6.00 7.58
C LEU A 324 13.90 -6.31 8.67
N ALA A 325 15.00 -6.96 8.29
CA ALA A 325 16.06 -7.26 9.27
C ALA A 325 16.61 -5.97 9.86
N VAL A 326 16.79 -4.94 9.04
CA VAL A 326 17.30 -3.66 9.55
C VAL A 326 16.25 -3.01 10.48
N ILE A 327 14.98 -3.03 10.06
CA ILE A 327 13.88 -2.52 10.91
C ILE A 327 13.86 -3.22 12.28
N GLU A 328 14.02 -4.55 12.26
CA GLU A 328 14.02 -5.32 13.50
C GLU A 328 15.18 -4.97 14.40
N GLU A 329 16.33 -4.62 13.83
CA GLU A 329 17.45 -4.15 14.65
C GLU A 329 17.21 -2.79 15.32
N LEU A 330 16.43 -1.94 14.65
CA LEU A 330 15.99 -0.68 15.24
C LEU A 330 14.97 -0.87 16.36
N THR A 331 13.96 -1.70 16.13
CA THR A 331 12.88 -1.89 17.12
C THR A 331 13.28 -2.84 18.24
N GLY A 332 14.20 -3.77 17.93
CA GLY A 332 14.55 -4.83 18.87
C GLY A 332 13.53 -5.95 18.96
N VAL A 333 12.59 -5.98 18.02
CA VAL A 333 11.53 -7.00 17.99
C VAL A 333 11.83 -7.91 16.81
N ARG A 334 12.33 -9.10 17.10
CA ARG A 334 12.81 -10.02 16.06
C ARG A 334 11.83 -11.16 15.90
N SER A 335 10.77 -10.88 15.15
CA SER A 335 9.57 -11.73 15.14
C SER A 335 9.29 -12.49 13.85
N LEU A 336 10.15 -12.39 12.84
CA LEU A 336 9.92 -13.13 11.60
C LEU A 336 11.22 -13.67 11.05
N PRO A 337 11.26 -14.94 10.65
CA PRO A 337 12.50 -15.42 10.03
C PRO A 337 12.66 -14.93 8.60
N ASP A 338 13.90 -14.92 8.11
CA ASP A 338 14.15 -14.79 6.68
C ASP A 338 13.88 -16.17 6.08
N PRO A 339 12.79 -16.32 5.28
CA PRO A 339 12.48 -17.65 4.74
C PRO A 339 13.48 -18.17 3.71
N TYR A 340 14.35 -17.30 3.20
CA TYR A 340 15.40 -17.69 2.27
C TYR A 340 16.72 -18.07 2.98
N HIS A 341 16.75 -18.02 4.31
CA HIS A 341 18.04 -18.06 5.02
C HIS A 341 18.84 -19.31 4.68
N GLU A 342 18.23 -20.48 4.84
CA GLU A 342 18.94 -21.74 4.58
C GLU A 342 19.34 -21.86 3.12
N PHE A 343 18.42 -21.54 2.21
CA PHE A 343 18.68 -21.59 0.77
C PHE A 343 19.90 -20.76 0.37
N LEU A 344 19.97 -19.53 0.86
CA LEU A 344 21.05 -18.63 0.47
C LEU A 344 22.35 -18.89 1.24
N ALA A 345 22.23 -19.34 2.49
CA ALA A 345 23.41 -19.61 3.33
C ALA A 345 24.33 -20.66 2.70
N GLY A 346 23.75 -21.61 1.98
CA GLY A 346 24.52 -22.63 1.28
C GLY A 346 25.35 -22.16 0.09
N MET A 347 25.07 -20.96 -0.42
CA MET A 347 25.78 -20.43 -1.60
C MET A 347 27.16 -19.83 -1.30
N GLY A 348 27.41 -19.51 -0.04
CA GLY A 348 28.72 -19.00 0.37
C GLY A 348 28.77 -17.52 0.60
N GLY A 349 29.97 -16.95 0.49
CA GLY A 349 30.20 -15.56 0.84
C GLY A 349 30.58 -15.38 2.29
N ASN A 350 30.59 -16.46 3.08
CA ASN A 350 30.82 -16.39 4.52
C ASN A 350 32.25 -16.65 4.95
N THR A 351 33.16 -16.71 3.99
CA THR A 351 34.59 -16.87 4.28
C THR A 351 35.32 -15.67 3.69
N LEU A 352 36.17 -15.04 4.49
CA LEU A 352 36.91 -13.89 4.00
C LEU A 352 38.03 -14.35 3.08
N LEU A 353 37.85 -14.10 1.79
CA LEU A 353 38.85 -14.49 0.79
C LEU A 353 40.02 -13.53 0.82
N ASP A 354 41.20 -14.01 0.41
CA ASP A 354 42.39 -13.15 0.44
C ASP A 354 42.18 -11.85 -0.36
N ALA A 355 41.57 -11.94 -1.54
CA ALA A 355 41.39 -10.76 -2.37
C ALA A 355 40.44 -9.75 -1.71
N GLU A 356 39.44 -10.26 -1.00
CA GLU A 356 38.50 -9.40 -0.25
C GLU A 356 39.20 -8.71 0.91
N ARG A 357 39.96 -9.49 1.68
CA ARG A 357 40.72 -8.96 2.78
C ARG A 357 41.66 -7.84 2.31
N ALA A 358 42.35 -8.07 1.20
CA ALA A 358 43.32 -7.12 0.69
C ALA A 358 42.67 -5.81 0.23
N ALA A 359 41.51 -5.93 -0.42
CA ALA A 359 40.77 -4.74 -0.84
C ALA A 359 40.43 -3.85 0.35
N ILE A 360 40.06 -4.47 1.45
CA ILE A 360 39.67 -3.77 2.68
C ILE A 360 40.88 -3.14 3.35
N GLU A 361 41.97 -3.91 3.42
CA GLU A 361 43.17 -3.44 4.06
C GLU A 361 43.80 -2.28 3.29
N ILE A 363 42.42 0.31 2.64
CA ILE A 363 41.81 1.55 3.19
C ILE A 363 42.28 1.87 4.62
N VAL A 364 42.76 0.89 5.35
CA VAL A 364 43.13 1.07 6.75
C VAL A 364 44.15 2.21 7.02
N PRO A 365 45.18 2.36 6.16
CA PRO A 365 46.15 3.46 6.41
C PRO A 365 45.56 4.87 6.27
N LEU A 366 44.39 4.98 5.64
CA LEU A 366 43.73 6.27 5.47
C LEU A 366 43.00 6.73 6.72
N LEU A 367 42.74 5.82 7.66
CA LEU A 367 42.04 6.17 8.90
C LEU A 367 42.77 7.25 9.72
N ALA A 368 44.10 7.23 9.67
CA ALA A 368 44.93 8.16 10.41
C ALA A 368 44.75 9.61 9.98
N ASP A 369 44.23 9.82 8.77
CA ASP A 369 44.01 11.17 8.25
C ASP A 369 42.66 11.76 8.63
N ILE A 370 41.83 10.97 9.32
CA ILE A 370 40.55 11.47 9.84
C ILE A 370 40.80 12.11 11.19
N ARG A 371 40.79 13.44 11.22
CA ARG A 371 41.02 14.21 12.43
C ARG A 371 39.70 14.87 12.86
N HIS B 1 -24.51 17.28 17.71
CA HIS B 1 -23.83 16.83 16.46
C HIS B 1 -22.43 16.27 16.66
N HIS B 2 -22.05 15.34 15.78
CA HIS B 2 -20.72 14.74 15.84
C HIS B 2 -20.28 14.20 14.46
N HIS B 3 -19.01 14.42 14.12
CA HIS B 3 -18.45 14.02 12.84
C HIS B 3 -17.07 13.39 13.04
N ALA B 4 -17.00 12.08 12.83
CA ALA B 4 -15.74 11.35 12.84
C ALA B 4 -15.96 10.13 11.95
N ILE B 5 -15.17 10.01 10.88
CA ILE B 5 -15.41 9.01 9.86
C ILE B 5 -14.33 7.95 9.97
N GLY B 6 -14.72 6.74 10.32
CA GLY B 6 -13.76 5.63 10.43
C GLY B 6 -13.39 5.08 9.06
N TYR B 7 -12.18 4.54 8.97
CA TYR B 7 -11.69 3.97 7.72
C TYR B 7 -10.84 2.74 8.05
N VAL B 8 -11.16 1.60 7.45
CA VAL B 8 -10.41 0.36 7.68
C VAL B 8 -9.69 -0.06 6.40
N TRP B 9 -8.36 -0.15 6.48
CA TRP B 9 -7.55 -0.85 5.50
C TRP B 9 -6.51 -1.64 6.28
N ASN B 10 -6.29 -2.87 5.85
CA ASN B 10 -5.27 -3.72 6.41
C ASN B 10 -4.40 -4.18 5.24
N THR B 11 -3.08 -4.13 5.39
CA THR B 11 -2.19 -4.56 4.33
C THR B 11 -2.55 -5.90 3.72
N LEU B 12 -2.97 -6.84 4.55
CA LEU B 12 -3.27 -8.19 4.07
C LEU B 12 -4.47 -8.27 3.12
N TYR B 13 -5.37 -7.29 3.17
CA TYR B 13 -6.44 -7.19 2.17
C TYR B 13 -5.87 -7.16 0.76
N GLY B 14 -4.68 -6.57 0.62
CA GLY B 14 -4.00 -6.54 -0.68
C GLY B 14 -3.18 -7.77 -1.03
N TRP B 15 -3.08 -8.74 -0.12
CA TRP B 15 -2.24 -9.94 -0.30
C TRP B 15 -3.05 -11.21 -0.60
N VAL B 16 -4.37 -11.07 -0.77
CA VAL B 16 -5.23 -12.20 -1.12
C VAL B 16 -4.71 -12.80 -2.43
N ASP B 17 -4.39 -14.10 -2.40
CA ASP B 17 -3.88 -14.77 -3.56
C ASP B 17 -5.03 -15.29 -4.42
N THR B 18 -5.23 -14.63 -5.54
CA THR B 18 -6.27 -14.99 -6.50
C THR B 18 -5.79 -15.94 -7.58
N GLY B 19 -4.51 -16.32 -7.54
CA GLY B 19 -3.99 -17.39 -8.37
C GLY B 19 -3.45 -16.91 -9.70
N THR B 20 -3.53 -17.77 -10.70
CA THR B 20 -3.01 -17.47 -12.04
C THR B 20 -4.05 -17.66 -13.15
N GLY B 21 -5.31 -17.89 -12.78
CA GLY B 21 -6.39 -17.93 -13.76
C GLY B 21 -7.05 -16.58 -13.94
N SER B 22 -7.99 -16.53 -14.88
CA SER B 22 -8.78 -15.34 -15.17
C SER B 22 -9.98 -15.20 -14.23
N LEU B 23 -10.62 -16.33 -13.97
CA LEU B 23 -11.86 -16.38 -13.23
C LEU B 23 -11.87 -17.74 -12.54
N ALA B 24 -11.98 -18.81 -13.31
CA ALA B 24 -11.57 -20.13 -12.85
C ALA B 24 -10.06 -20.18 -12.96
N ALA B 25 -9.47 -21.28 -12.49
CA ALA B 25 -8.03 -21.46 -12.59
C ALA B 25 -7.57 -21.58 -14.04
N ALA B 26 -6.29 -21.29 -14.27
CA ALA B 26 -5.65 -21.63 -15.53
C ALA B 26 -5.83 -23.10 -15.80
N ASN B 27 -5.98 -23.47 -17.06
CA ASN B 27 -6.34 -24.82 -17.41
C ASN B 27 -5.78 -25.16 -18.77
N LEU B 28 -4.78 -26.03 -18.81
CA LEU B 28 -4.10 -26.38 -20.05
C LEU B 28 -5.00 -27.09 -21.03
N THR B 29 -5.80 -28.03 -20.54
CA THR B 29 -6.67 -28.80 -21.42
C THR B 29 -7.72 -27.91 -22.11
N ALA B 30 -8.24 -26.95 -21.37
CA ALA B 30 -9.20 -25.99 -21.91
C ALA B 30 -8.53 -24.86 -22.68
N ARG B 31 -7.20 -24.81 -22.62
CA ARG B 31 -6.38 -23.77 -23.25
C ARG B 31 -6.74 -22.38 -22.69
N MET B 32 -6.94 -22.32 -21.38
CA MET B 32 -7.05 -21.06 -20.65
C MET B 32 -5.68 -20.71 -20.11
N GLN B 33 -5.01 -19.81 -20.83
CA GLN B 33 -3.63 -19.44 -20.55
C GLN B 33 -3.52 -18.73 -19.20
N PRO B 34 -2.46 -19.02 -18.42
CA PRO B 34 -2.25 -18.23 -17.21
C PRO B 34 -2.14 -16.74 -17.45
N ILE B 35 -2.50 -15.97 -16.46
CA ILE B 35 -2.44 -14.51 -16.53
C ILE B 35 -2.01 -13.96 -15.18
N SER B 36 -1.35 -12.80 -15.17
CA SER B 36 -0.82 -12.26 -13.91
C SER B 36 -1.92 -11.80 -12.97
N HIS B 37 -2.96 -11.18 -13.52
CA HIS B 37 -4.03 -10.59 -12.74
C HIS B 37 -5.37 -11.25 -13.05
N HIS B 38 -5.81 -12.10 -12.13
CA HIS B 38 -7.17 -12.58 -12.10
C HIS B 38 -8.12 -11.38 -12.08
N LEU B 39 -9.33 -11.57 -12.59
CA LEU B 39 -10.32 -10.50 -12.57
C LEU B 39 -10.51 -9.87 -11.19
N ALA B 40 -10.45 -10.70 -10.14
CA ALA B 40 -10.64 -10.29 -8.76
C ALA B 40 -9.36 -9.99 -7.99
N HIS B 41 -8.25 -9.82 -8.70
CA HIS B 41 -6.96 -9.52 -8.08
C HIS B 41 -7.08 -8.37 -7.09
N PRO B 42 -6.40 -8.46 -5.94
CA PRO B 42 -6.51 -7.43 -4.90
C PRO B 42 -6.00 -6.04 -5.27
N ASP B 43 -5.22 -5.91 -6.36
CA ASP B 43 -4.71 -4.60 -6.74
C ASP B 43 -5.82 -3.59 -6.98
N THR B 44 -6.98 -4.03 -7.45
CA THR B 44 -8.07 -3.07 -7.70
C THR B 44 -8.44 -2.32 -6.39
N LYS B 45 -8.65 -3.06 -5.32
CA LYS B 45 -9.00 -2.47 -4.02
C LYS B 45 -7.79 -1.74 -3.40
N ARG B 46 -6.58 -2.28 -3.60
CA ARG B 46 -5.41 -1.57 -3.11
C ARG B 46 -5.24 -0.20 -3.78
N ARG B 47 -5.51 -0.11 -5.08
CA ARG B 47 -5.45 1.17 -5.78
C ARG B 47 -6.47 2.18 -5.24
N PHE B 48 -7.62 1.70 -4.79
CA PHE B 48 -8.60 2.55 -4.10
C PHE B 48 -7.97 3.08 -2.80
N HIS B 49 -7.43 2.18 -1.98
CA HIS B 49 -6.77 2.61 -0.75
C HIS B 49 -5.67 3.64 -1.02
N GLU B 50 -4.82 3.36 -1.98
CA GLU B 50 -3.73 4.25 -2.27
C GLU B 50 -4.21 5.62 -2.74
N LEU B 51 -5.32 5.65 -3.49
CA LEU B 51 -5.92 6.92 -3.86
C LEU B 51 -6.51 7.67 -2.66
N VAL B 52 -7.14 6.95 -1.75
CA VAL B 52 -7.61 7.56 -0.49
C VAL B 52 -6.46 8.29 0.19
N CYS B 53 -5.28 7.65 0.20
CA CYS B 53 -4.11 8.27 0.79
C CYS B 53 -3.52 9.41 -0.05
N ALA B 54 -3.29 9.16 -1.33
CA ALA B 54 -2.59 10.12 -2.20
C ALA B 54 -3.44 11.37 -2.47
N SER B 55 -4.77 11.22 -2.44
CA SER B 55 -5.69 12.35 -2.60
C SER B 55 -5.74 13.26 -1.39
N GLY B 56 -5.20 12.80 -0.27
CA GLY B 56 -5.32 13.52 0.99
C GLY B 56 -6.58 13.22 1.79
N GLN B 57 -7.47 12.38 1.29
CA GLN B 57 -8.67 12.03 2.07
C GLN B 57 -8.32 11.36 3.38
N ILE B 58 -7.23 10.60 3.39
CA ILE B 58 -6.81 9.90 4.61
C ILE B 58 -6.65 10.86 5.81
N GLU B 59 -6.25 12.10 5.54
CA GLU B 59 -6.08 13.12 6.60
C GLU B 59 -7.41 13.53 7.26
N HIS B 60 -8.53 13.23 6.59
CA HIS B 60 -9.87 13.55 7.09
C HIS B 60 -10.59 12.33 7.66
N LEU B 61 -9.91 11.21 7.72
CA LEU B 61 -10.46 9.96 8.20
C LEU B 61 -9.79 9.57 9.49
N THR B 62 -10.48 8.73 10.26
CA THR B 62 -9.95 8.18 11.51
C THR B 62 -9.60 6.71 11.20
N PRO B 63 -8.30 6.38 11.10
CA PRO B 63 -7.98 5.00 10.78
C PRO B 63 -8.37 4.07 11.93
N ILE B 64 -9.02 2.97 11.57
CA ILE B 64 -9.51 1.98 12.52
C ILE B 64 -8.88 0.65 12.15
N ALA B 65 -8.20 0.05 13.11
CA ALA B 65 -7.54 -1.23 12.89
C ALA B 65 -8.55 -2.34 12.77
N ALA B 66 -8.41 -3.19 11.78
CA ALA B 66 -9.20 -4.40 11.74
C ALA B 66 -8.78 -5.31 12.91
N VAL B 67 -9.77 -5.96 13.50
CA VAL B 67 -9.55 -6.94 14.57
C VAL B 67 -10.15 -8.23 14.05
N ALA B 68 -9.39 -9.32 14.06
CA ALA B 68 -9.85 -10.60 13.52
C ALA B 68 -11.20 -11.03 14.09
N ALA B 69 -12.12 -11.37 13.20
CA ALA B 69 -13.40 -11.91 13.62
C ALA B 69 -13.17 -13.23 14.35
N THR B 70 -13.79 -13.37 15.51
CA THR B 70 -13.70 -14.59 16.31
C THR B 70 -14.64 -15.63 15.74
N ASP B 71 -14.49 -16.85 16.21
CA ASP B 71 -15.45 -17.91 15.86
C ASP B 71 -16.86 -17.48 16.23
N ALA B 72 -17.03 -16.93 17.43
CA ALA B 72 -18.35 -16.46 17.86
C ALA B 72 -18.94 -15.44 16.90
N ASP B 73 -18.12 -14.51 16.43
CA ASP B 73 -18.56 -13.53 15.45
C ASP B 73 -19.04 -14.19 14.16
N ILE B 74 -18.22 -15.11 13.66
CA ILE B 74 -18.52 -15.78 12.39
C ILE B 74 -19.81 -16.61 12.50
N LEU B 75 -20.00 -17.28 13.65
CA LEU B 75 -21.16 -18.14 13.89
C LEU B 75 -22.50 -17.42 13.97
N ARG B 76 -22.49 -16.09 14.10
CA ARG B 76 -23.74 -15.32 14.03
C ARG B 76 -24.27 -15.23 12.59
N ALA B 77 -23.42 -15.49 11.61
CA ALA B 77 -23.81 -15.45 10.18
C ALA B 77 -23.70 -16.79 9.48
N HIS B 78 -22.86 -17.70 10.02
CA HIS B 78 -22.55 -18.94 9.34
C HIS B 78 -22.63 -20.15 10.26
N SER B 79 -22.75 -21.29 9.64
CA SER B 79 -22.82 -22.56 10.36
C SER B 79 -21.47 -22.97 10.91
N ALA B 80 -21.50 -23.78 11.96
CA ALA B 80 -20.30 -24.33 12.53
C ALA B 80 -19.58 -25.17 11.50
N ALA B 81 -20.34 -25.92 10.69
CA ALA B 81 -19.71 -26.74 9.65
C ALA B 81 -18.94 -25.90 8.65
N HIS B 82 -19.49 -24.74 8.25
CA HIS B 82 -18.79 -23.85 7.33
C HIS B 82 -17.51 -23.27 7.95
N LEU B 83 -17.59 -22.79 9.18
CA LEU B 83 -16.41 -22.29 9.89
C LEU B 83 -15.33 -23.36 10.00
N GLU B 84 -15.75 -24.56 10.42
CA GLU B 84 -14.81 -25.67 10.56
C GLU B 84 -14.24 -26.06 9.21
N ASN B 85 -15.05 -26.00 8.15
CA ASN B 85 -14.52 -26.28 6.82
C ASN B 85 -13.49 -25.25 6.39
N MET B 86 -13.74 -23.98 6.71
CA MET B 86 -12.78 -22.93 6.38
C MET B 86 -11.48 -23.10 7.19
N LYS B 87 -11.57 -23.44 8.48
CA LYS B 87 -10.37 -23.74 9.32
C LYS B 87 -9.64 -24.94 8.72
N ARG B 88 -10.39 -25.96 8.29
CA ARG B 88 -9.82 -27.15 7.63
C ARG B 88 -9.05 -26.76 6.36
N VAL B 89 -9.70 -26.02 5.47
CA VAL B 89 -9.10 -25.67 4.17
C VAL B 89 -7.87 -24.79 4.40
N SER B 90 -8.00 -23.79 5.26
CA SER B 90 -6.88 -22.90 5.57
C SER B 90 -5.69 -23.62 6.23
N ASN B 91 -5.96 -24.70 6.97
CA ASN B 91 -4.91 -25.50 7.60
C ASN B 91 -4.22 -26.46 6.64
N LEU B 92 -4.80 -26.72 5.47
CA LEU B 92 -4.17 -27.62 4.50
C LEU B 92 -2.84 -26.98 4.09
N PRO B 93 -1.79 -27.79 3.86
CA PRO B 93 -0.45 -27.24 3.62
C PRO B 93 -0.33 -26.22 2.47
N THR B 94 -1.15 -26.39 1.44
CA THR B 94 -1.21 -25.45 0.34
C THR B 94 -2.64 -24.91 0.16
N GLY B 95 -3.42 -24.91 1.23
CA GLY B 95 -4.80 -24.47 1.13
C GLY B 95 -5.65 -25.39 0.27
N GLY B 96 -6.71 -24.83 -0.31
CA GLY B 96 -7.56 -25.62 -1.19
C GLY B 96 -8.93 -25.05 -1.49
N ASP B 97 -9.78 -25.93 -2.02
CA ASP B 97 -11.13 -25.60 -2.50
C ASP B 97 -12.08 -25.45 -1.32
N THR B 98 -12.75 -24.31 -1.25
CA THR B 98 -13.67 -24.01 -0.15
C THR B 98 -15.05 -24.68 -0.31
N GLY B 99 -15.31 -25.26 -1.48
CA GLY B 99 -16.48 -26.13 -1.68
C GLY B 99 -17.09 -26.01 -3.07
N ASP B 100 -17.07 -24.80 -3.62
CA ASP B 100 -17.76 -24.55 -4.90
C ASP B 100 -16.92 -24.91 -6.14
N GLY B 101 -15.64 -25.19 -5.93
CA GLY B 101 -14.73 -25.55 -7.02
C GLY B 101 -13.96 -24.40 -7.66
N ILE B 102 -14.26 -23.18 -7.23
CA ILE B 102 -13.59 -21.96 -7.74
C ILE B 102 -13.04 -21.06 -6.63
N THR B 103 -13.77 -20.94 -5.53
CA THR B 103 -13.35 -20.10 -4.41
C THR B 103 -12.31 -20.88 -3.60
N MET B 104 -11.11 -20.34 -3.56
CA MET B 104 -9.96 -21.00 -2.89
C MET B 104 -9.45 -20.16 -1.73
N MET B 105 -8.83 -20.83 -0.75
CA MET B 105 -8.02 -20.13 0.23
C MET B 105 -6.64 -20.72 0.24
N GLY B 106 -5.64 -19.87 0.44
CA GLY B 106 -4.28 -20.28 0.66
C GLY B 106 -4.11 -20.87 2.04
N ASN B 107 -2.95 -21.48 2.28
CA ASN B 107 -2.59 -21.89 3.64
C ASN B 107 -2.59 -20.62 4.48
N GLY B 108 -3.30 -20.62 5.60
CA GLY B 108 -3.43 -19.42 6.42
C GLY B 108 -4.32 -18.31 5.84
N GLY B 109 -5.03 -18.57 4.74
CA GLY B 109 -5.89 -17.54 4.12
C GLY B 109 -7.08 -17.15 5.00
N LEU B 110 -7.41 -18.03 5.95
CA LEU B 110 -8.42 -17.71 6.95
C LEU B 110 -8.06 -16.45 7.74
N GLU B 111 -6.77 -16.16 7.92
CA GLU B 111 -6.36 -14.94 8.60
C GLU B 111 -6.92 -13.70 7.92
N ILE B 112 -6.87 -13.68 6.59
CA ILE B 112 -7.36 -12.51 5.85
C ILE B 112 -8.89 -12.48 5.90
N ALA B 113 -9.54 -13.63 5.72
CA ALA B 113 -11.00 -13.70 5.81
C ALA B 113 -11.48 -13.19 7.17
N ARG B 114 -10.79 -13.57 8.24
CA ARG B 114 -11.15 -13.06 9.57
C ARG B 114 -10.95 -11.56 9.70
N LEU B 115 -9.87 -11.04 9.14
CA LEU B 115 -9.61 -9.60 9.19
C LEU B 115 -10.61 -8.79 8.37
N SER B 116 -11.10 -9.39 7.29
CA SER B 116 -12.08 -8.74 6.44
C SER B 116 -13.40 -8.62 7.20
N ALA B 117 -13.89 -9.74 7.73
CA ALA B 117 -15.15 -9.71 8.50
C ALA B 117 -14.96 -8.85 9.74
N GLY B 118 -13.81 -8.96 10.38
CA GLY B 118 -13.51 -8.21 11.59
C GLY B 118 -13.37 -6.71 11.39
N GLY B 119 -12.95 -6.29 10.19
CA GLY B 119 -12.93 -4.87 9.83
C GLY B 119 -14.34 -4.30 9.80
N ALA B 120 -15.27 -5.06 9.25
CA ALA B 120 -16.67 -4.66 9.24
C ALA B 120 -17.23 -4.59 10.66
N VAL B 121 -16.90 -5.58 11.49
CA VAL B 121 -17.38 -5.63 12.87
C VAL B 121 -16.85 -4.46 13.68
N GLU B 122 -15.55 -4.21 13.57
CA GLU B 122 -14.91 -3.16 14.36
C GLU B 122 -15.50 -1.79 14.00
N LEU B 123 -15.71 -1.54 12.71
CA LEU B 123 -16.28 -0.27 12.31
C LEU B 123 -17.74 -0.14 12.80
N THR B 124 -18.51 -1.24 12.69
CA THR B 124 -19.87 -1.29 13.19
C THR B 124 -19.96 -0.98 14.70
N ARG B 125 -19.10 -1.61 15.49
CA ARG B 125 -19.05 -1.36 16.93
C ARG B 125 -18.80 0.11 17.22
N ARG B 126 -17.83 0.70 16.55
CA ARG B 126 -17.40 2.06 16.86
C ARG B 126 -18.35 3.14 16.36
N VAL B 127 -19.06 2.87 15.26
CA VAL B 127 -20.17 3.73 14.84
C VAL B 127 -21.35 3.60 15.79
N ALA B 128 -21.70 2.37 16.17
CA ALA B 128 -22.89 2.15 17.02
C ALA B 128 -22.75 2.80 18.40
N THR B 129 -21.54 2.81 18.96
CA THR B 129 -21.31 3.41 20.27
C THR B 129 -21.32 4.93 20.23
N GLY B 130 -21.15 5.52 19.05
CA GLY B 130 -21.07 6.97 18.91
C GLY B 130 -19.65 7.51 18.90
N GLU B 131 -18.65 6.62 19.01
CA GLU B 131 -17.26 7.05 18.86
C GLU B 131 -17.06 7.66 17.47
N LEU B 132 -17.63 7.01 16.47
CA LEU B 132 -17.61 7.45 15.08
C LEU B 132 -19.04 7.74 14.64
N SER B 133 -19.18 8.69 13.71
CA SER B 133 -20.49 8.97 13.10
C SER B 133 -20.82 8.01 11.96
N ALA B 134 -19.79 7.54 11.27
CA ALA B 134 -19.99 6.69 10.06
C ALA B 134 -18.63 6.16 9.67
N GLY B 135 -18.56 5.30 8.66
CA GLY B 135 -17.28 4.89 8.15
C GLY B 135 -17.32 4.04 6.93
N TYR B 136 -16.12 3.73 6.44
CA TYR B 136 -15.92 2.90 5.26
C TYR B 136 -14.89 1.82 5.59
N ALA B 137 -15.28 0.56 5.51
CA ALA B 137 -14.38 -0.57 5.68
C ALA B 137 -13.99 -1.12 4.30
N LEU B 138 -12.76 -0.83 3.90
CA LEU B 138 -12.27 -1.22 2.57
C LEU B 138 -11.65 -2.60 2.67
N VAL B 139 -12.52 -3.59 2.82
CA VAL B 139 -12.11 -4.96 3.13
C VAL B 139 -11.95 -5.78 1.85
N ASN B 140 -11.26 -6.90 2.00
CA ASN B 140 -11.10 -7.90 0.95
C ASN B 140 -10.59 -9.15 1.68
N PRO B 141 -11.16 -10.34 1.43
CA PRO B 141 -12.16 -10.70 0.44
C PRO B 141 -13.57 -10.17 0.74
N PRO B 142 -14.42 -10.11 -0.30
CA PRO B 142 -15.79 -9.64 -0.17
C PRO B 142 -16.68 -10.68 0.49
N GLY B 143 -17.94 -10.34 0.66
CA GLY B 143 -18.83 -11.15 1.48
C GLY B 143 -20.15 -11.60 0.94
N HIS B 144 -20.78 -10.80 0.09
CA HIS B 144 -22.25 -10.93 -0.06
C HIS B 144 -22.78 -12.20 -0.74
N HIS B 145 -21.92 -12.96 -1.42
CA HIS B 145 -22.35 -14.25 -1.99
C HIS B 145 -22.31 -15.41 -1.05
N ALA B 146 -21.61 -15.28 0.07
CA ALA B 146 -21.46 -16.40 0.99
C ALA B 146 -22.75 -16.59 1.78
N PRO B 147 -23.46 -17.72 1.57
CA PRO B 147 -24.67 -17.98 2.35
C PRO B 147 -24.32 -18.60 3.71
N HIS B 148 -25.32 -19.04 4.46
CA HIS B 148 -25.08 -19.50 5.83
C HIS B 148 -24.06 -20.64 5.88
N ASN B 149 -24.21 -21.57 4.95
CA ASN B 149 -23.49 -22.86 5.00
C ASN B 149 -22.35 -23.02 3.99
N ALA B 150 -21.90 -21.95 3.34
CA ALA B 150 -20.88 -22.09 2.28
C ALA B 150 -20.13 -20.80 1.94
N ALA B 151 -19.00 -20.99 1.28
CA ALA B 151 -18.30 -19.93 0.57
C ALA B 151 -18.78 -19.96 -0.86
N MET B 152 -18.77 -18.81 -1.53
CA MET B 152 -19.26 -18.69 -2.90
C MET B 152 -18.82 -17.37 -3.53
N GLY B 153 -18.56 -17.38 -4.84
CA GLY B 153 -18.31 -16.13 -5.56
C GLY B 153 -17.21 -15.23 -4.99
N PHE B 154 -16.13 -15.94 -4.59
N PHE B 154 -16.03 -15.75 -4.72
CA PHE B 154 -14.91 -15.41 -3.95
CA PHE B 154 -14.93 -14.94 -4.15
C PHE B 154 -15.11 -14.78 -2.57
C PHE B 154 -15.16 -14.63 -2.63
N CYS B 155 -16.28 -15.08 -2.00
CA CYS B 155 -16.60 -14.68 -0.64
C CYS B 155 -16.45 -15.87 0.30
N ILE B 156 -15.64 -15.70 1.35
CA ILE B 156 -15.41 -16.73 2.36
C ILE B 156 -16.46 -16.63 3.47
N PHE B 157 -16.57 -15.42 4.02
CA PHE B 157 -17.59 -15.10 5.02
C PHE B 157 -18.34 -13.87 4.56
N ASN B 158 -19.57 -13.75 5.04
CA ASN B 158 -20.47 -12.68 4.64
C ASN B 158 -20.26 -11.54 5.60
N ASN B 159 -19.31 -10.68 5.24
CA ASN B 159 -18.84 -9.61 6.12
C ASN B 159 -19.97 -8.75 6.68
N THR B 160 -20.87 -8.31 5.81
CA THR B 160 -21.95 -7.44 6.26
C THR B 160 -22.91 -8.18 7.19
N SER B 161 -23.12 -9.48 6.95
CA SER B 161 -23.96 -10.28 7.85
C SER B 161 -23.28 -10.56 9.18
N VAL B 162 -21.96 -10.74 9.17
CA VAL B 162 -21.23 -10.87 10.45
C VAL B 162 -21.39 -9.59 11.25
N ALA B 163 -21.27 -8.44 10.58
CA ALA B 163 -21.45 -7.15 11.25
C ALA B 163 -22.90 -6.96 11.74
N ALA B 164 -23.88 -7.30 10.91
CA ALA B 164 -25.29 -7.21 11.35
C ALA B 164 -25.58 -8.11 12.55
N GLY B 165 -25.01 -9.32 12.51
CA GLY B 165 -25.18 -10.29 13.59
C GLY B 165 -24.61 -9.77 14.89
N TYR B 166 -23.47 -9.09 14.80
CA TYR B 166 -22.85 -8.44 15.94
C TYR B 166 -23.77 -7.32 16.47
N ALA B 167 -24.26 -6.47 15.57
CA ALA B 167 -25.17 -5.39 15.98
C ALA B 167 -26.42 -5.91 16.70
N ARG B 168 -26.96 -7.02 16.19
CA ARG B 168 -28.14 -7.67 16.77
C ARG B 168 -27.83 -8.30 18.14
N ALA B 169 -26.84 -9.19 18.18
CA ALA B 169 -26.60 -10.02 19.38
C ALA B 169 -25.80 -9.30 20.47
N VAL B 170 -24.78 -8.56 20.09
CA VAL B 170 -23.86 -7.92 21.03
C VAL B 170 -24.35 -6.52 21.41
N LEU B 171 -24.74 -5.74 20.42
CA LEU B 171 -25.25 -4.39 20.69
C LEU B 171 -26.76 -4.33 20.97
N GLY B 172 -27.48 -5.42 20.75
CA GLY B 172 -28.92 -5.46 21.09
C GLY B 172 -29.83 -4.63 20.20
N MET B 173 -29.37 -4.33 18.99
CA MET B 173 -30.23 -3.63 18.05
C MET B 173 -31.31 -4.58 17.62
N GLU B 174 -32.54 -4.08 17.54
N GLU B 174 -32.54 -4.09 17.55
CA GLU B 174 -33.68 -4.89 17.14
CA GLU B 174 -33.70 -4.88 17.15
C GLU B 174 -33.89 -4.93 15.63
C GLU B 174 -33.89 -4.93 15.63
N ARG B 175 -33.41 -3.91 14.92
CA ARG B 175 -33.58 -3.80 13.47
C ARG B 175 -32.30 -3.26 12.84
N VAL B 176 -31.80 -3.98 11.84
CA VAL B 176 -30.62 -3.59 11.05
C VAL B 176 -31.01 -3.75 9.58
N ALA B 177 -30.48 -2.87 8.73
CA ALA B 177 -30.67 -3.00 7.27
C ALA B 177 -29.35 -3.17 6.58
N ILE B 178 -29.30 -4.09 5.62
CA ILE B 178 -28.16 -4.25 4.72
C ILE B 178 -28.63 -3.87 3.32
N LEU B 179 -28.05 -2.79 2.77
CA LEU B 179 -28.31 -2.31 1.42
C LEU B 179 -27.11 -2.68 0.55
N ASP B 180 -27.31 -3.57 -0.40
CA ASP B 180 -26.25 -4.06 -1.27
C ASP B 180 -26.45 -3.47 -2.65
N TRP B 181 -25.47 -2.66 -3.11
CA TRP B 181 -25.50 -2.14 -4.48
C TRP B 181 -24.36 -2.65 -5.32
N ASP B 182 -23.69 -3.68 -4.86
CA ASP B 182 -22.87 -4.48 -5.76
C ASP B 182 -23.79 -4.93 -6.91
N VAL B 183 -23.25 -4.95 -8.11
CA VAL B 183 -24.05 -5.23 -9.31
C VAL B 183 -24.56 -6.68 -9.38
N HIS B 184 -23.96 -7.56 -8.58
CA HIS B 184 -24.38 -8.95 -8.50
C HIS B 184 -25.31 -9.13 -7.32
N HIS B 185 -26.27 -10.03 -7.49
CA HIS B 185 -27.24 -10.32 -6.44
C HIS B 185 -26.55 -10.79 -5.16
N GLY B 186 -26.94 -10.19 -4.03
CA GLY B 186 -26.44 -10.56 -2.71
C GLY B 186 -27.16 -11.80 -2.22
N ASN B 187 -26.97 -12.91 -2.90
CA ASN B 187 -27.67 -14.15 -2.58
C ASN B 187 -27.30 -14.71 -1.21
N GLY B 188 -26.05 -14.50 -0.79
CA GLY B 188 -25.60 -15.01 0.50
C GLY B 188 -26.34 -14.32 1.62
N THR B 189 -26.39 -12.99 1.54
CA THR B 189 -27.04 -12.18 2.55
C THR B 189 -28.54 -12.49 2.58
N GLN B 190 -29.14 -12.64 1.41
CA GLN B 190 -30.54 -13.05 1.29
C GLN B 190 -30.79 -14.36 2.03
N ASP B 191 -29.90 -15.35 1.81
CA ASP B 191 -30.02 -16.65 2.45
C ASP B 191 -29.93 -16.57 3.95
N ILE B 192 -28.95 -15.82 4.45
CA ILE B 192 -28.67 -15.82 5.88
C ILE B 192 -29.87 -15.30 6.66
N TRP B 193 -30.51 -14.24 6.16
CA TRP B 193 -31.57 -13.59 6.90
C TRP B 193 -32.97 -13.88 6.34
N TRP B 194 -33.06 -14.93 5.51
CA TRP B 194 -34.27 -15.26 4.77
C TRP B 194 -35.52 -15.34 5.64
N ASN B 195 -35.39 -15.96 6.82
CA ASN B 195 -36.52 -16.17 7.73
C ASN B 195 -36.62 -15.12 8.84
N ASP B 196 -35.83 -14.05 8.73
CA ASP B 196 -35.56 -13.14 9.85
C ASP B 196 -35.93 -11.69 9.50
N PRO B 197 -37.01 -11.16 10.12
CA PRO B 197 -37.40 -9.77 9.86
C PRO B 197 -36.57 -8.71 10.59
N SER B 198 -35.64 -9.13 11.45
CA SER B 198 -34.77 -8.22 12.18
C SER B 198 -33.58 -7.69 11.38
N VAL B 199 -33.35 -8.25 10.19
CA VAL B 199 -32.36 -7.74 9.25
C VAL B 199 -33.03 -7.61 7.90
N LEU B 200 -33.35 -6.37 7.52
CA LEU B 200 -33.89 -6.08 6.21
C LEU B 200 -32.76 -6.16 5.20
N THR B 201 -32.92 -7.01 4.20
CA THR B 201 -31.88 -7.21 3.18
C THR B 201 -32.38 -6.68 1.83
N ILE B 202 -31.64 -5.76 1.24
CA ILE B 202 -32.01 -5.15 -0.04
C ILE B 202 -30.83 -5.36 -1.00
N SER B 203 -31.13 -5.80 -2.21
CA SER B 203 -30.11 -5.98 -3.24
C SER B 203 -30.54 -5.32 -4.55
N LEU B 204 -29.79 -4.30 -4.95
CA LEU B 204 -29.98 -3.62 -6.25
C LEU B 204 -28.91 -4.25 -7.13
N HIS B 205 -29.30 -4.80 -8.27
CA HIS B 205 -28.33 -5.61 -9.07
C HIS B 205 -28.78 -5.74 -10.51
N GLN B 206 -27.84 -6.15 -11.35
CA GLN B 206 -28.15 -6.51 -12.73
C GLN B 206 -28.84 -7.88 -12.73
N HIS B 207 -30.03 -7.94 -13.33
CA HIS B 207 -30.81 -9.16 -13.36
C HIS B 207 -30.05 -10.35 -13.96
N LEU B 208 -29.87 -11.41 -13.17
CA LEU B 208 -29.26 -12.68 -13.59
C LEU B 208 -27.81 -12.56 -14.01
N CYS B 209 -27.14 -11.54 -13.53
CA CYS B 209 -25.71 -11.39 -13.84
C CYS B 209 -24.90 -12.46 -13.09
N PHE B 210 -25.00 -12.47 -11.76
CA PHE B 210 -24.52 -13.61 -10.96
C PHE B 210 -25.13 -13.55 -9.56
N PRO B 211 -25.65 -14.69 -9.03
CA PRO B 211 -25.79 -16.01 -9.64
C PRO B 211 -26.82 -16.04 -10.76
N PRO B 212 -26.80 -17.10 -11.57
CA PRO B 212 -27.73 -17.19 -12.71
C PRO B 212 -29.20 -17.45 -12.38
N ASP B 213 -29.50 -17.86 -11.17
CA ASP B 213 -30.85 -18.36 -10.89
C ASP B 213 -31.49 -17.67 -9.71
N SER B 214 -31.04 -16.45 -9.40
CA SER B 214 -31.55 -15.77 -8.22
C SER B 214 -31.61 -14.26 -8.41
N GLY B 215 -32.25 -13.61 -7.44
CA GLY B 215 -32.40 -12.18 -7.41
C GLY B 215 -33.71 -11.68 -7.96
N TYR B 216 -34.65 -12.59 -8.22
CA TYR B 216 -35.97 -12.22 -8.70
C TYR B 216 -36.75 -11.46 -7.62
N SER B 217 -37.65 -10.59 -8.07
CA SER B 217 -38.52 -9.80 -7.18
C SER B 217 -39.42 -10.67 -6.29
N THR B 218 -39.68 -11.90 -6.72
CA THR B 218 -40.50 -12.84 -5.99
C THR B 218 -39.80 -13.52 -4.81
N GLU B 219 -38.50 -13.29 -4.66
CA GLU B 219 -37.74 -13.82 -3.53
C GLU B 219 -37.87 -12.81 -2.41
N ARG B 220 -38.78 -13.09 -1.48
CA ARG B 220 -39.22 -12.10 -0.49
C ARG B 220 -39.01 -12.49 0.98
N GLY B 221 -38.35 -13.61 1.22
CA GLY B 221 -38.19 -14.14 2.57
C GLY B 221 -39.26 -15.18 2.86
N ALA B 222 -39.22 -15.71 4.06
CA ALA B 222 -40.16 -16.73 4.49
C ALA B 222 -40.49 -16.60 5.96
N GLY B 223 -41.63 -17.15 6.33
CA GLY B 223 -42.10 -17.11 7.71
C GLY B 223 -42.22 -15.68 8.20
N ASN B 224 -41.75 -15.41 9.41
CA ASN B 224 -41.74 -14.06 9.97
C ASN B 224 -40.91 -13.09 9.15
N GLY B 225 -39.96 -13.63 8.38
CA GLY B 225 -39.15 -12.83 7.46
C GLY B 225 -39.81 -12.49 6.14
N HIS B 226 -41.01 -12.99 5.89
CA HIS B 226 -41.67 -12.68 4.63
C HIS B 226 -41.94 -11.18 4.52
N GLY B 227 -41.41 -10.59 3.45
CA GLY B 227 -41.51 -9.14 3.22
C GLY B 227 -40.27 -8.36 3.60
N TYR B 228 -39.28 -9.03 4.15
CA TYR B 228 -38.08 -8.36 4.67
C TYR B 228 -36.82 -8.72 3.89
N ASN B 229 -37.02 -9.15 2.64
CA ASN B 229 -35.97 -9.26 1.65
C ASN B 229 -36.51 -8.58 0.40
N ILE B 230 -35.75 -7.66 -0.17
CA ILE B 230 -36.20 -6.88 -1.32
C ILE B 230 -35.13 -6.90 -2.39
N ASN B 231 -35.44 -7.54 -3.52
CA ASN B 231 -34.56 -7.56 -4.67
C ASN B 231 -35.04 -6.54 -5.69
N VAL B 232 -34.10 -5.80 -6.26
CA VAL B 232 -34.39 -4.83 -7.31
C VAL B 232 -33.52 -5.19 -8.52
N PRO B 233 -33.94 -6.19 -9.30
CA PRO B 233 -33.18 -6.55 -10.51
C PRO B 233 -33.42 -5.53 -11.62
N LEU B 234 -32.33 -5.05 -12.20
CA LEU B 234 -32.34 -4.04 -13.25
C LEU B 234 -31.77 -4.62 -14.53
N PRO B 235 -32.19 -4.09 -15.68
CA PRO B 235 -31.67 -4.63 -16.92
C PRO B 235 -30.25 -4.17 -17.23
N PRO B 236 -29.51 -4.99 -17.99
CA PRO B 236 -28.21 -4.55 -18.53
C PRO B 236 -28.32 -3.20 -19.21
N GLY B 237 -27.28 -2.40 -19.09
CA GLY B 237 -27.25 -1.07 -19.65
C GLY B 237 -27.83 0.03 -18.78
N SER B 238 -28.38 -0.31 -17.61
CA SER B 238 -28.91 0.70 -16.68
C SER B 238 -27.77 1.56 -16.16
N GLY B 239 -28.01 2.86 -16.07
CA GLY B 239 -27.01 3.81 -15.61
C GLY B 239 -27.48 4.66 -14.45
N ASN B 240 -26.92 5.86 -14.36
CA ASN B 240 -27.20 6.71 -13.22
C ASN B 240 -28.70 7.01 -13.05
N ALA B 241 -29.43 7.21 -14.15
CA ALA B 241 -30.84 7.56 -14.04
C ALA B 241 -31.63 6.41 -13.38
N ALA B 242 -31.39 5.19 -13.85
CA ALA B 242 -32.06 4.01 -13.30
C ALA B 242 -31.70 3.78 -11.84
N TYR B 243 -30.41 3.89 -11.55
CA TYR B 243 -29.94 3.63 -10.18
C TYR B 243 -30.54 4.66 -9.22
N LEU B 244 -30.56 5.92 -9.61
CA LEU B 244 -31.13 6.95 -8.73
C LEU B 244 -32.66 6.85 -8.61
N HIS B 245 -33.34 6.47 -9.70
CA HIS B 245 -34.79 6.21 -9.62
C HIS B 245 -35.06 5.04 -8.65
N ALA B 246 -34.22 4.01 -8.68
CA ALA B 246 -34.36 2.88 -7.76
C ALA B 246 -34.14 3.32 -6.32
N MET B 247 -33.16 4.18 -6.11
CA MET B 247 -32.92 4.72 -4.77
C MET B 247 -34.13 5.49 -4.27
N ASP B 248 -34.65 6.37 -5.11
CA ASP B 248 -35.74 7.27 -4.71
C ASP B 248 -37.10 6.59 -4.57
N GLN B 249 -37.38 5.64 -5.45
CA GLN B 249 -38.67 4.95 -5.48
C GLN B 249 -38.76 3.73 -4.58
N VAL B 250 -37.64 3.06 -4.33
CA VAL B 250 -37.66 1.78 -3.63
C VAL B 250 -36.77 1.75 -2.40
N VAL B 251 -35.48 2.02 -2.58
CA VAL B 251 -34.52 1.77 -1.50
C VAL B 251 -34.75 2.68 -0.31
N LEU B 252 -34.79 3.98 -0.54
CA LEU B 252 -34.95 4.94 0.53
C LEU B 252 -36.33 4.81 1.19
N PRO B 253 -37.40 4.64 0.40
CA PRO B 253 -38.69 4.38 1.06
C PRO B 253 -38.69 3.10 1.91
N ALA B 254 -38.01 2.05 1.46
CA ALA B 254 -37.94 0.80 2.22
C ALA B 254 -37.23 1.04 3.56
N LEU B 255 -36.12 1.76 3.52
CA LEU B 255 -35.39 2.07 4.74
C LEU B 255 -36.24 2.90 5.71
N ARG B 256 -36.94 3.90 5.18
N ARG B 256 -36.95 3.89 5.17
CA ARG B 256 -37.80 4.74 6.02
CA ARG B 256 -37.80 4.72 6.01
C ARG B 256 -38.96 3.96 6.63
C ARG B 256 -38.96 3.96 6.63
N ALA B 257 -39.51 3.01 5.88
CA ALA B 257 -40.60 2.17 6.37
C ALA B 257 -40.11 1.25 7.47
N TYR B 258 -38.89 0.75 7.33
CA TYR B 258 -38.35 -0.26 8.23
C TYR B 258 -37.78 0.31 9.53
N ARG B 259 -37.23 1.52 9.47
CA ARG B 259 -36.66 2.19 10.64
C ARG B 259 -35.55 1.34 11.26
N PRO B 260 -34.52 1.00 10.47
CA PRO B 260 -33.39 0.31 11.07
C PRO B 260 -32.67 1.21 12.07
N GLN B 261 -31.98 0.60 13.03
CA GLN B 261 -31.15 1.33 13.98
C GLN B 261 -29.72 1.54 13.48
N LEU B 262 -29.39 0.86 12.39
CA LEU B 262 -28.11 0.92 11.71
C LEU B 262 -28.30 0.51 10.27
N ILE B 263 -27.63 1.21 9.36
CA ILE B 263 -27.62 0.85 7.95
C ILE B 263 -26.21 0.41 7.60
N ILE B 264 -26.10 -0.79 7.05
CA ILE B 264 -24.84 -1.31 6.52
C ILE B 264 -24.99 -1.33 5.00
N VAL B 265 -24.03 -0.72 4.30
CA VAL B 265 -24.06 -0.70 2.84
C VAL B 265 -23.02 -1.69 2.32
N GLY B 266 -23.47 -2.67 1.53
CA GLY B 266 -22.57 -3.49 0.74
C GLY B 266 -22.18 -2.70 -0.47
N SER B 267 -21.02 -2.06 -0.37
CA SER B 267 -20.58 -1.05 -1.32
C SER B 267 -19.66 -1.67 -2.37
N GLY B 268 -20.27 -2.21 -3.43
CA GLY B 268 -19.52 -2.64 -4.61
C GLY B 268 -19.52 -1.54 -5.66
N PHE B 269 -18.53 -1.56 -6.53
CA PHE B 269 -18.46 -0.62 -7.67
C PHE B 269 -18.43 -1.33 -9.01
N ASP B 270 -18.89 -2.58 -9.03
CA ASP B 270 -18.96 -3.35 -10.25
C ASP B 270 -20.12 -2.96 -11.16
N ALA B 271 -21.00 -2.06 -10.73
CA ALA B 271 -21.97 -1.43 -11.63
C ALA B 271 -21.35 -0.29 -12.44
N SER B 272 -20.04 -0.04 -12.28
CA SER B 272 -19.44 1.06 -13.02
C SER B 272 -19.43 0.83 -14.52
N MET B 273 -19.36 1.96 -15.21
CA MET B 273 -19.34 2.03 -16.67
C MET B 273 -18.21 1.21 -17.30
N LEU B 274 -17.11 1.02 -16.58
CA LEU B 274 -15.95 0.31 -17.13
C LEU B 274 -15.70 -1.06 -16.51
N ASP B 275 -16.69 -1.62 -15.81
CA ASP B 275 -16.44 -2.90 -15.17
C ASP B 275 -16.54 -4.05 -16.17
N PRO B 276 -15.60 -5.00 -16.14
CA PRO B 276 -15.74 -6.16 -17.04
C PRO B 276 -16.81 -7.17 -16.62
N LEU B 277 -17.16 -7.21 -15.33
CA LEU B 277 -18.03 -8.31 -14.83
C LEU B 277 -19.51 -7.95 -14.71
N ALA B 278 -19.89 -6.81 -15.28
CA ALA B 278 -21.30 -6.49 -15.47
C ALA B 278 -21.43 -5.48 -16.59
N ARG B 279 -22.67 -5.16 -16.93
CA ARG B 279 -23.00 -4.35 -18.11
C ARG B 279 -23.72 -3.05 -17.74
N MET B 280 -23.44 -2.51 -16.55
N MET B 280 -23.48 -2.51 -16.54
CA MET B 280 -24.12 -1.31 -16.09
CA MET B 280 -24.15 -1.29 -16.09
C MET B 280 -23.29 -0.06 -16.35
C MET B 280 -23.30 -0.06 -16.37
N MET B 281 -23.91 1.11 -16.19
CA MET B 281 -23.36 2.38 -16.69
C MET B 281 -23.23 3.44 -15.60
N VAL B 282 -23.02 3.00 -14.38
CA VAL B 282 -22.92 3.96 -13.28
C VAL B 282 -21.56 4.63 -13.32
N THR B 283 -21.53 5.94 -13.12
CA THR B 283 -20.27 6.66 -13.05
C THR B 283 -19.96 7.02 -11.60
N ALA B 284 -18.77 7.57 -11.37
CA ALA B 284 -18.39 8.00 -10.02
C ALA B 284 -19.39 9.01 -9.49
N ASP B 285 -19.89 9.89 -10.34
CA ASP B 285 -20.93 10.85 -9.90
C ASP B 285 -22.22 10.15 -9.50
N GLY B 286 -22.55 9.05 -10.17
CA GLY B 286 -23.70 8.24 -9.79
C GLY B 286 -23.53 7.61 -8.40
N PHE B 287 -22.37 7.00 -8.16
CA PHE B 287 -22.09 6.43 -6.83
C PHE B 287 -22.08 7.53 -5.77
N ARG B 288 -21.55 8.71 -6.13
CA ARG B 288 -21.55 9.86 -5.23
C ARG B 288 -22.97 10.19 -4.78
N GLN B 289 -23.87 10.30 -5.75
CA GLN B 289 -25.26 10.63 -5.46
C GLN B 289 -25.96 9.53 -4.65
N MET B 290 -25.64 8.27 -4.96
CA MET B 290 -26.19 7.13 -4.18
C MET B 290 -25.75 7.20 -2.72
N ALA B 291 -24.46 7.46 -2.51
CA ALA B 291 -23.89 7.56 -1.16
C ALA B 291 -24.51 8.73 -0.40
N ARG B 292 -24.56 9.90 -1.04
CA ARG B 292 -25.15 11.10 -0.43
C ARG B 292 -26.58 10.84 0.05
N ARG B 293 -27.38 10.24 -0.83
CA ARG B 293 -28.77 9.92 -0.49
C ARG B 293 -28.87 8.97 0.71
N THR B 294 -28.01 7.97 0.75
CA THR B 294 -28.09 6.96 1.80
C THR B 294 -27.59 7.51 3.15
N ILE B 295 -26.52 8.30 3.11
CA ILE B 295 -25.99 8.94 4.31
C ILE B 295 -27.04 9.90 4.88
N ASP B 296 -27.68 10.66 4.00
CA ASP B 296 -28.71 11.61 4.44
C ASP B 296 -29.92 10.88 5.02
N CYS B 297 -30.27 9.74 4.43
CA CYS B 297 -31.34 8.92 4.99
C CYS B 297 -30.99 8.43 6.41
N ALA B 298 -29.77 7.93 6.58
CA ALA B 298 -29.30 7.54 7.90
C ALA B 298 -29.39 8.69 8.91
N ALA B 299 -29.01 9.89 8.48
CA ALA B 299 -29.12 11.08 9.35
C ALA B 299 -30.56 11.29 9.83
N ASP B 300 -31.51 11.07 8.93
N ASP B 300 -31.51 11.07 8.93
CA ASP B 300 -32.93 11.26 9.24
CA ASP B 300 -32.93 11.27 9.22
C ASP B 300 -33.52 10.19 10.14
C ASP B 300 -33.52 10.19 10.13
N ILE B 301 -33.12 8.93 9.94
CA ILE B 301 -33.81 7.80 10.60
C ILE B 301 -33.06 7.02 11.68
N CYS B 302 -31.72 7.05 11.69
CA CYS B 302 -30.97 6.28 12.69
C CYS B 302 -29.73 7.02 13.17
N ASP B 303 -29.90 8.32 13.43
CA ASP B 303 -28.86 9.15 14.05
C ASP B 303 -27.54 9.10 13.28
N GLY B 304 -27.64 8.97 11.96
CA GLY B 304 -26.47 8.95 11.09
C GLY B 304 -25.65 7.67 11.09
N ARG B 305 -26.16 6.62 11.72
CA ARG B 305 -25.37 5.40 11.86
C ARG B 305 -25.33 4.59 10.58
N ILE B 306 -24.24 4.74 9.83
CA ILE B 306 -24.10 4.09 8.54
C ILE B 306 -22.66 3.60 8.39
N VAL B 307 -22.53 2.35 7.97
CA VAL B 307 -21.24 1.69 7.77
C VAL B 307 -21.23 1.16 6.35
N PHE B 308 -20.27 1.61 5.55
CA PHE B 308 -20.04 1.09 4.21
C PHE B 308 -18.98 -0.02 4.29
N VAL B 309 -19.23 -1.14 3.62
CA VAL B 309 -18.32 -2.29 3.61
C VAL B 309 -18.08 -2.68 2.17
N GLN B 310 -16.83 -2.69 1.75
CA GLN B 310 -16.50 -3.00 0.36
C GLN B 310 -16.99 -4.37 -0.10
N GLU B 311 -17.65 -4.41 -1.25
CA GLU B 311 -17.99 -5.66 -1.93
C GLU B 311 -17.13 -5.73 -3.22
N GLY B 312 -17.73 -5.98 -4.39
CA GLY B 312 -16.95 -6.16 -5.60
C GLY B 312 -16.60 -4.90 -6.34
N GLY B 313 -16.20 -5.09 -7.58
CA GLY B 313 -15.66 -4.03 -8.42
C GLY B 313 -14.33 -4.46 -8.99
N TYR B 314 -14.20 -4.37 -10.31
CA TYR B 314 -13.15 -5.08 -11.06
C TYR B 314 -12.43 -4.22 -12.07
N SER B 315 -12.63 -2.89 -12.02
CA SER B 315 -11.85 -1.98 -12.85
C SER B 315 -10.73 -1.37 -12.00
N PRO B 316 -9.46 -1.84 -12.18
CA PRO B 316 -8.41 -1.16 -11.43
C PRO B 316 -8.21 0.29 -11.85
N HIS B 317 -8.65 0.63 -13.07
CA HIS B 317 -8.54 1.95 -13.61
C HIS B 317 -9.52 2.90 -12.97
N TYR B 318 -10.77 2.48 -12.90
CA TYR B 318 -11.85 3.38 -12.55
C TYR B 318 -12.41 3.20 -11.13
N LEU B 319 -12.37 1.98 -10.60
CA LEU B 319 -12.91 1.77 -9.26
C LEU B 319 -12.37 2.76 -8.23
N PRO B 320 -11.06 3.07 -8.26
CA PRO B 320 -10.57 4.00 -7.23
C PRO B 320 -11.34 5.33 -7.18
N PHE B 321 -11.72 5.86 -8.35
CA PHE B 321 -12.46 7.12 -8.41
C PHE B 321 -13.91 6.99 -7.98
N CYS B 322 -14.51 5.84 -8.24
CA CYS B 322 -15.86 5.54 -7.73
C CYS B 322 -15.85 5.48 -6.20
N GLY B 323 -14.89 4.74 -5.65
CA GLY B 323 -14.71 4.64 -4.21
C GLY B 323 -14.38 5.96 -3.56
N LEU B 324 -13.51 6.73 -4.20
CA LEU B 324 -13.14 8.03 -3.64
C LEU B 324 -14.35 8.96 -3.53
N ALA B 325 -15.24 8.90 -4.52
CA ALA B 325 -16.46 9.72 -4.47
C ALA B 325 -17.29 9.39 -3.24
N VAL B 326 -17.39 8.12 -2.88
CA VAL B 326 -18.16 7.72 -1.69
C VAL B 326 -17.44 8.24 -0.43
N ILE B 327 -16.12 8.07 -0.38
CA ILE B 327 -15.32 8.58 0.76
C ILE B 327 -15.52 10.10 0.94
N GLU B 328 -15.50 10.82 -0.17
CA GLU B 328 -15.70 12.26 -0.12
C GLU B 328 -17.08 12.65 0.40
N GLU B 329 -18.09 11.84 0.10
CA GLU B 329 -19.42 12.10 0.67
C GLU B 329 -19.49 11.89 2.19
N LEU B 330 -18.68 10.96 2.69
CA LEU B 330 -18.57 10.75 4.13
C LEU B 330 -17.81 11.89 4.81
N THR B 331 -16.67 12.31 4.23
CA THR B 331 -15.85 13.33 4.86
C THR B 331 -16.37 14.75 4.61
N GLY B 332 -17.09 14.92 3.51
CA GLY B 332 -17.51 16.24 3.06
C GLY B 332 -16.41 17.10 2.45
N VAL B 333 -15.28 16.48 2.12
CA VAL B 333 -14.13 17.18 1.53
C VAL B 333 -14.02 16.71 0.07
N ARG B 334 -14.43 17.56 -0.86
CA ARG B 334 -14.57 17.20 -2.26
C ARG B 334 -13.44 17.86 -3.06
N SER B 335 -12.28 17.21 -3.02
CA SER B 335 -11.02 17.84 -3.43
C SER B 335 -10.36 17.27 -4.69
N LEU B 336 -10.95 16.28 -5.34
CA LEU B 336 -10.36 15.73 -6.58
C LEU B 336 -11.43 15.44 -7.61
N PRO B 337 -11.22 15.84 -8.87
CA PRO B 337 -12.22 15.47 -9.87
C PRO B 337 -12.10 14.02 -10.29
N ASP B 338 -13.17 13.47 -10.83
CA ASP B 338 -13.11 12.21 -11.56
C ASP B 338 -12.55 12.55 -12.94
N PRO B 339 -11.30 12.12 -13.24
CA PRO B 339 -10.71 12.48 -14.53
C PRO B 339 -11.37 11.81 -15.74
N TYR B 340 -12.19 10.80 -15.50
CA TYR B 340 -12.95 10.13 -16.56
C TYR B 340 -14.33 10.76 -16.79
N HIS B 341 -14.69 11.79 -16.03
CA HIS B 341 -16.09 12.25 -16.01
C HIS B 341 -16.62 12.59 -17.39
N GLU B 342 -15.93 13.47 -18.10
CA GLU B 342 -16.35 13.92 -19.45
C GLU B 342 -16.41 12.75 -20.43
N PHE B 343 -15.37 11.93 -20.44
CA PHE B 343 -15.26 10.75 -21.30
C PHE B 343 -16.46 9.80 -21.14
N LEU B 344 -16.81 9.50 -19.90
CA LEU B 344 -17.90 8.56 -19.63
C LEU B 344 -19.29 9.17 -19.72
N ALA B 345 -19.39 10.45 -19.39
CA ALA B 345 -20.69 11.16 -19.42
C ALA B 345 -21.32 11.13 -20.81
N GLY B 346 -20.49 11.16 -21.85
CA GLY B 346 -20.96 11.06 -23.22
C GLY B 346 -21.57 9.74 -23.64
N MET B 347 -21.32 8.67 -22.89
CA MET B 347 -21.79 7.32 -23.25
C MET B 347 -23.25 7.05 -22.92
N GLY B 348 -23.84 7.84 -22.03
CA GLY B 348 -25.24 7.70 -21.68
C GLY B 348 -25.52 7.02 -20.36
N GLY B 349 -26.71 6.45 -20.24
CA GLY B 349 -27.19 5.93 -18.96
C GLY B 349 -27.93 6.96 -18.14
N ASN B 350 -27.98 8.22 -18.60
CA ASN B 350 -28.54 9.31 -17.81
C ASN B 350 -29.99 9.64 -18.12
N THR B 351 -30.65 8.79 -18.90
CA THR B 351 -32.07 8.93 -19.19
C THR B 351 -32.78 7.67 -18.70
N LEU B 352 -33.86 7.86 -17.97
CA LEU B 352 -34.59 6.71 -17.45
C LEU B 352 -35.41 6.09 -18.57
N LEU B 353 -34.96 4.93 -19.03
CA LEU B 353 -35.64 4.23 -20.12
C LEU B 353 -36.89 3.56 -19.60
N ASP B 354 -37.87 3.37 -20.47
CA ASP B 354 -39.13 2.75 -20.03
C ASP B 354 -38.92 1.39 -19.38
N ALA B 355 -38.06 0.56 -19.96
CA ALA B 355 -37.83 -0.78 -19.40
C ALA B 355 -37.20 -0.71 -18.00
N GLU B 356 -36.32 0.28 -17.81
CA GLU B 356 -35.67 0.51 -16.50
C GLU B 356 -36.71 0.96 -15.47
N ARG B 357 -37.51 1.94 -15.86
CA ARG B 357 -38.58 2.44 -14.99
C ARG B 357 -39.50 1.28 -14.58
N ALA B 358 -39.89 0.45 -15.54
CA ALA B 358 -40.83 -0.64 -15.25
C ALA B 358 -40.23 -1.69 -14.29
N ALA B 359 -38.96 -2.01 -14.48
CA ALA B 359 -38.30 -2.95 -13.57
C ALA B 359 -38.34 -2.47 -12.12
N ILE B 360 -38.16 -1.16 -11.94
CA ILE B 360 -38.15 -0.54 -10.61
C ILE B 360 -39.55 -0.49 -10.01
N GLU B 361 -40.52 -0.12 -10.85
CA GLU B 361 -41.90 -0.02 -10.39
C GLU B 361 -42.48 -1.36 -9.95
N GLU B 362 -41.94 -2.48 -10.46
CA GLU B 362 -42.34 -3.82 -10.01
C GLU B 362 -42.17 -4.03 -8.50
N ILE B 363 -41.25 -3.28 -7.89
CA ILE B 363 -40.93 -3.45 -6.48
C ILE B 363 -41.75 -2.54 -5.58
N VAL B 364 -42.28 -1.43 -6.11
CA VAL B 364 -42.99 -0.46 -5.28
C VAL B 364 -44.18 -1.04 -4.45
N PRO B 365 -44.99 -1.93 -5.03
CA PRO B 365 -46.10 -2.50 -4.23
C PRO B 365 -45.66 -3.35 -3.03
N LEU B 366 -44.40 -3.77 -3.01
CA LEU B 366 -43.86 -4.57 -1.89
C LEU B 366 -43.51 -3.73 -0.69
N LEU B 367 -43.39 -2.42 -0.85
CA LEU B 367 -43.04 -1.54 0.26
C LEU B 367 -44.06 -1.58 1.41
N ALA B 368 -45.33 -1.77 1.06
CA ALA B 368 -46.40 -1.82 2.03
C ALA B 368 -46.30 -3.00 2.99
N ASP B 369 -45.53 -4.03 2.64
CA ASP B 369 -45.37 -5.20 3.51
C ASP B 369 -44.22 -5.06 4.50
N ILE B 370 -43.51 -3.94 4.43
CA ILE B 370 -42.44 -3.66 5.40
C ILE B 370 -43.06 -2.96 6.60
N ARG B 371 -43.23 -3.71 7.67
CA ARG B 371 -43.81 -3.20 8.91
C ARG B 371 -42.72 -3.06 9.97
ZN ZN C . 22.50 0.91 -5.96
K K D . 27.86 2.79 -1.71
K K E . 33.54 15.00 2.69
O1 7H1 F . 20.95 1.38 -7.49
C 7H1 F . 21.50 2.07 -8.34
N 7H1 F . 22.44 2.80 -7.90
O 7H1 F . 22.69 2.89 -6.57
C1 7H1 F . 21.21 2.30 -9.84
F 7H1 F . 21.38 3.60 -10.05
F1 7H1 F . 19.99 2.00 -10.15
C2 7H1 F . 22.19 1.56 -10.76
F2 7H1 F . 22.08 0.29 -10.46
F3 7H1 F . 23.40 1.97 -10.44
C3 7H1 F . 21.99 1.67 -12.28
F4 7H1 F . 20.86 1.06 -12.59
F5 7H1 F . 22.95 0.95 -12.84
C4 7H1 F . 21.98 3.08 -12.91
F6 7H1 F . 22.88 3.86 -12.35
F7 7H1 F . 20.83 3.66 -12.65
C5 7H1 F . 22.23 3.09 -14.41
F8 7H1 F . 21.60 2.09 -15.01
F9 7H1 F . 23.52 2.84 -14.60
C6 7H1 F . 21.90 4.40 -15.13
F10 7H1 F . 22.19 5.45 -14.38
F11 7H1 F . 20.61 4.46 -15.38
C7 7H1 F . 22.72 4.49 -16.39
O2 7H1 F . 22.85 3.46 -17.02
N1 7H1 F . 23.28 5.69 -16.71
C8 7H1 F . 24.02 5.97 -17.84
C9 7H1 F . 24.18 7.32 -18.17
C10 7H1 F . 24.87 7.70 -19.34
C11 7H1 F . 25.41 6.74 -20.19
C12 7H1 F . 25.26 5.40 -19.86
C13 7H1 F . 24.59 5.03 -18.71
OH2 1PE G . 36.08 23.95 5.55
C12 1PE G . 36.29 23.83 6.97
C22 1PE G . 37.73 24.11 7.40
OH3 1PE G . 38.32 22.88 7.82
C13 1PE G . 40.26 21.44 8.03
C23 1PE G . 39.73 22.88 8.12
OH4 1PE G . 39.94 20.72 9.23
C14 1PE G . 38.91 18.80 10.24
C24 1PE G . 39.78 19.31 9.10
OH5 1PE G . 37.56 19.20 10.02
C15 1PE G . 35.27 19.08 10.78
C25 1PE G . 36.60 18.36 10.67
OH6 1PE G . 35.43 20.09 11.78
C16 1PE G . 34.83 20.70 14.06
C26 1PE G . 34.34 20.35 12.66
OH7 1PE G . 34.47 19.65 14.98
C1 PEG H . 43.05 -8.07 -9.42
O1 PEG H . 43.53 -7.49 -10.64
C2 PEG H . 42.63 -7.04 -8.37
O2 PEG H . 41.74 -6.09 -8.95
C3 PEG H . 41.34 -5.05 -8.08
C4 PEG H . 40.70 -3.96 -8.94
O4 PEG H . 39.79 -4.57 -9.87
C1 PEG I . 5.89 11.34 -18.92
O1 PEG I . 6.48 10.13 -18.48
C2 PEG I . 4.36 11.36 -18.90
O2 PEG I . 3.77 10.58 -19.93
C3 PEG I . 2.65 11.19 -20.52
C4 PEG I . 2.72 10.59 -21.90
O4 PEG I . 1.75 11.15 -22.77
C1 PEG J . 45.64 -13.98 5.70
O1 PEG J . 45.50 -13.92 7.13
C2 PEG J . 46.41 -12.75 5.26
O2 PEG J . 46.77 -12.72 3.88
C3 PEG J . 47.33 -11.45 3.50
C4 PEG J . 48.55 -11.01 4.31
O4 PEG J . 49.02 -9.73 3.87
C1 PEG K . 36.12 10.71 -9.55
O1 PEG K . 35.85 10.50 -10.94
C2 PEG K . 36.36 12.20 -9.33
O2 PEG K . 36.11 12.55 -7.97
C3 PEG K . 35.30 13.73 -7.73
C4 PEG K . 35.93 15.04 -8.22
O4 PEG K . 35.13 16.19 -7.91
C1 PEG L . 13.45 -23.43 -1.51
O1 PEG L . 12.64 -23.88 -0.40
C2 PEG L . 13.58 -21.93 -1.64
O2 PEG L . 12.84 -21.30 -0.60
C3 PEG L . 12.83 -19.90 -0.79
C4 PEG L . 12.02 -19.23 0.29
O4 PEG L . 11.14 -20.14 0.97
ZN ZN M . -20.15 -8.08 -7.56
K K N . -26.50 -6.41 -4.97
K K O . -34.44 -10.62 5.97
O1 7H1 P . -18.40 -9.40 -7.74
C 7H1 P . -18.79 -10.56 -7.72
N 7H1 P . -19.84 -10.73 -7.03
O 7H1 P . -20.40 -9.71 -6.35
C1 7H1 P . -18.26 -11.88 -8.27
F 7H1 P . -18.43 -12.82 -7.38
F1 7H1 P . -16.99 -11.74 -8.48
C2 7H1 P . -18.90 -12.41 -9.55
F2 7H1 P . -18.71 -11.48 -10.47
F3 7H1 P . -20.18 -12.58 -9.35
C3 7H1 P . -18.30 -13.70 -10.15
F4 7H1 P . -17.07 -13.41 -10.55
F5 7H1 P . -18.99 -13.83 -11.27
C4 7H1 P . -18.27 -15.02 -9.31
F6 7H1 P . -17.20 -14.80 -8.64
F7 7H1 P . -19.38 -14.89 -8.70
C5 7H1 P . -18.19 -16.19 -10.31
F8 7H1 P . -17.32 -15.99 -11.28
F9 7H1 P . -19.36 -16.30 -10.90
C6 7H1 P . -17.86 -17.51 -9.61
F10 7H1 P . -18.52 -17.57 -8.48
F11 7H1 P . -16.58 -17.60 -9.27
C7 7H1 P . -18.33 -18.68 -10.45
O2 7H1 P . -18.19 -18.59 -11.68
N1 7H1 P . -18.91 -19.69 -9.77
C8 7H1 P . -19.41 -20.86 -10.28
C9 7H1 P . -19.69 -21.89 -9.36
C10 7H1 P . -20.16 -23.12 -9.79
C11 7H1 P . -20.37 -23.38 -11.14
C12 7H1 P . -20.10 -22.37 -12.07
C13 7H1 P . -19.64 -21.13 -11.64
OH2 1PE Q . -42.98 -8.90 12.25
C12 1PE Q . -42.14 -7.97 11.53
C22 1PE Q . -40.94 -7.70 12.42
OH3 1PE Q . -40.16 -6.57 12.06
C13 1PE Q . -39.23 -6.18 14.26
C23 1PE Q . -38.91 -6.49 12.81
OH4 1PE Q . -38.09 -6.17 15.08
C14 1PE Q . -39.21 -4.90 16.87
C24 1PE Q . -38.42 -6.13 16.48
OH5 1PE Q . -38.74 -3.74 16.20
C15 1PE Q . -39.77 -1.86 17.37
C25 1PE Q . -38.48 -2.60 17.04
OH6 1PE Q . -40.03 -0.89 16.36
C16 1PE Q . -42.17 -1.21 15.26
C26 1PE Q . -41.38 -0.43 16.32
OH7 1PE Q . -43.55 -0.81 15.26
C1 PEG R . -2.21 -21.97 -2.08
O1 PEG R . -3.06 -21.97 -3.22
C2 PEG R . -1.07 -22.96 -2.27
O2 PEG R . -0.01 -22.35 -3.00
C3 PEG R . 0.76 -23.16 -3.88
C4 PEG R . 1.62 -24.11 -3.08
O4 PEG R . 2.32 -25.01 -3.92
C1 PEG S . -9.35 9.11 -19.24
O1 PEG S . -8.83 9.65 -18.01
C2 PEG S . -9.59 10.24 -20.20
O2 PEG S . -9.52 9.80 -21.55
C3 PEG S . -9.45 10.82 -22.57
C4 PEG S . -8.72 12.14 -22.26
O4 PEG S . -7.87 12.54 -23.35
C1 PEG T . -18.86 17.05 -11.65
O1 PEG T . -18.43 17.73 -12.83
C2 PEG T . -19.99 16.08 -11.93
O2 PEG T . -21.25 16.71 -12.19
C3 PEG T . -21.70 17.64 -11.21
C4 PEG T . -23.22 17.64 -11.28
O4 PEG T . -23.60 16.28 -11.56
#